data_6W08
#
_entry.id   6W08
#
_cell.length_a   59.209
_cell.length_b   45.134
_cell.length_c   143.950
_cell.angle_alpha   90.000
_cell.angle_beta   100.157
_cell.angle_gamma   90.000
#
_symmetry.space_group_name_H-M   'P 1 21 1'
#
loop_
_entity.id
_entity.type
_entity.pdbx_description
1 polymer 'Motility Associated Killing Factor E'
2 non-polymer 'ACETIC ACID'
3 non-polymer 1,2-ETHANEDIOL
4 non-polymer 'POTASSIUM ION'
5 non-polymer 'CHLORIDE ION'
6 non-polymer 'FORMIC ACID'
7 water water
#
_entity_poly.entity_id   1
_entity_poly.type   'polypeptide(L)'
_entity_poly.pdbx_seq_one_letter_code
;MNQSASEQLQTDIPASISAMVLLNSACQGVVETYIDQGNAEHWYAQVEQNLNAVQKLVRQWRLSGNLYFSNDIMDSVLSI
ANTFKDSNVQILTLFKALETRFDTAQLQQLTSLILTLQNPIQSLTSNIKRYDEGLNAWARQVEDAHNTLQQTIAQIQQEE
VSIQAEIIATNAQIDLMKQQIAAFKTAIANAQSQRKKGIFETIFGVVLAPFTLGGSLILAGFGVSSIVEAQSEISSLQSD
IQSSLNTINHDQQTLSQDQQQIASLNALLLSVDQVNNDCAAISRSLDTLQTTVLSLYNETNNVVSNLTKAQDSQAVILEQ
VWYQSAYNEWQDILEVASTLNNAQPQITKAQIKENLYFE
;
_entity_poly.pdbx_strand_id   A,B
#
loop_
_chem_comp.id
_chem_comp.type
_chem_comp.name
_chem_comp.formula
ACY non-polymer 'ACETIC ACID' 'C2 H4 O2'
CL non-polymer 'CHLORIDE ION' 'Cl -1'
EDO non-polymer 1,2-ETHANEDIOL 'C2 H6 O2'
FMT non-polymer 'FORMIC ACID' 'C H2 O2'
K non-polymer 'POTASSIUM ION' 'K 1'
#
# COMPACT_ATOMS: atom_id res chain seq x y z
N ASN A 2 29.44 -27.66 -11.81
CA ASN A 2 28.48 -28.19 -12.78
C ASN A 2 27.08 -28.30 -12.18
N GLN A 3 26.07 -27.86 -12.94
CA GLN A 3 24.71 -27.80 -12.44
C GLN A 3 23.74 -28.33 -13.47
N SER A 4 22.81 -29.17 -13.03
CA SER A 4 21.71 -29.59 -13.87
C SER A 4 20.78 -28.41 -14.13
N ALA A 5 19.90 -28.57 -15.13
CA ALA A 5 18.97 -27.50 -15.45
C ALA A 5 18.03 -27.22 -14.28
N SER A 6 17.58 -28.27 -13.59
CA SER A 6 16.69 -28.08 -12.45
C SER A 6 17.41 -27.37 -11.31
N GLU A 7 18.69 -27.67 -11.11
CA GLU A 7 19.47 -26.94 -10.11
C GLU A 7 19.63 -25.47 -10.50
N GLN A 8 19.82 -25.19 -11.79
CA GLN A 8 19.91 -23.81 -12.23
C GLN A 8 18.59 -23.09 -12.04
N LEU A 9 17.48 -23.76 -12.32
CA LEU A 9 16.16 -23.14 -12.18
C LEU A 9 15.86 -22.78 -10.73
N GLN A 10 16.49 -23.46 -9.77
CA GLN A 10 16.32 -23.15 -8.36
C GLN A 10 16.72 -21.70 -8.07
N THR A 11 17.69 -21.18 -8.82
CA THR A 11 18.10 -19.79 -8.73
C THR A 11 17.39 -18.91 -9.75
N ASP A 12 17.25 -19.39 -11.00
CA ASP A 12 16.78 -18.54 -12.07
C ASP A 12 15.30 -18.19 -11.94
N ILE A 13 14.50 -19.06 -11.34
CA ILE A 13 13.07 -18.80 -11.24
C ILE A 13 12.82 -17.69 -10.21
N PRO A 14 13.29 -17.81 -8.95
CA PRO A 14 13.08 -16.69 -8.03
C PRO A 14 13.79 -15.41 -8.47
N ALA A 15 14.90 -15.53 -9.21
CA ALA A 15 15.55 -14.33 -9.72
C ALA A 15 14.62 -13.55 -10.64
N SER A 16 13.87 -14.26 -11.49
CA SER A 16 12.92 -13.58 -12.37
C SER A 16 11.75 -13.02 -11.57
N ILE A 17 11.24 -13.78 -10.60
CA ILE A 17 10.13 -13.29 -9.77
C ILE A 17 10.55 -12.04 -9.03
N SER A 18 11.77 -12.04 -8.48
CA SER A 18 12.27 -10.86 -7.80
C SER A 18 12.30 -9.64 -8.72
N ALA A 19 12.75 -9.82 -9.96
CA ALA A 19 12.82 -8.70 -10.88
C ALA A 19 11.42 -8.16 -11.19
N MET A 20 10.44 -9.06 -11.29
CA MET A 20 9.07 -8.63 -11.55
C MET A 20 8.47 -7.88 -10.36
N VAL A 21 8.76 -8.34 -9.14
CA VAL A 21 8.24 -7.66 -7.96
C VAL A 21 8.79 -6.24 -7.87
N LEU A 22 10.06 -6.05 -8.25
CA LEU A 22 10.64 -4.71 -8.28
C LEU A 22 9.89 -3.79 -9.23
N LEU A 23 9.52 -4.30 -10.41
CA LEU A 23 8.79 -3.46 -11.35
C LEU A 23 7.46 -3.00 -10.78
N ASN A 24 6.77 -3.86 -10.02
CA ASN A 24 5.51 -3.44 -9.42
C ASN A 24 5.72 -2.28 -8.46
N SER A 25 6.79 -2.34 -7.65
N SER A 25 6.78 -2.34 -7.64
CA SER A 25 7.05 -1.26 -6.71
CA SER A 25 7.05 -1.25 -6.72
C SER A 25 7.48 0.02 -7.42
C SER A 25 7.41 0.02 -7.46
N ALA A 26 8.19 -0.10 -8.54
CA ALA A 26 8.50 1.07 -9.35
C ALA A 26 7.23 1.68 -9.94
N CYS A 27 6.32 0.83 -10.43
CA CYS A 27 5.03 1.30 -10.91
C CYS A 27 4.26 2.03 -9.82
N GLN A 28 4.30 1.50 -8.58
CA GLN A 28 3.60 2.15 -7.49
C GLN A 28 4.19 3.53 -7.19
N GLY A 29 5.51 3.64 -7.26
CA GLY A 29 6.14 4.94 -7.09
C GLY A 29 5.68 5.96 -8.11
N VAL A 30 5.48 5.53 -9.37
CA VAL A 30 4.99 6.42 -10.43
C VAL A 30 3.58 6.90 -10.09
N VAL A 31 2.71 5.97 -9.70
CA VAL A 31 1.33 6.30 -9.41
C VAL A 31 1.23 7.28 -8.24
N GLU A 32 2.14 7.15 -7.27
CA GLU A 32 2.12 7.98 -6.08
C GLU A 32 3.11 9.15 -6.17
N THR A 33 3.33 9.66 -7.38
CA THR A 33 4.05 10.90 -7.59
C THR A 33 3.02 11.99 -7.91
N TYR A 34 2.94 13.00 -7.04
CA TYR A 34 1.91 14.03 -7.13
C TYR A 34 2.54 15.41 -7.28
N ILE A 35 1.93 16.24 -8.11
CA ILE A 35 2.36 17.63 -8.23
C ILE A 35 1.12 18.53 -8.26
N ASP A 36 1.27 19.73 -7.73
CA ASP A 36 0.24 20.74 -7.87
C ASP A 36 0.87 21.99 -8.47
N GLN A 37 0.02 22.79 -9.14
CA GLN A 37 0.53 23.89 -9.94
C GLN A 37 1.12 25.00 -9.07
N GLY A 38 0.48 25.30 -7.95
CA GLY A 38 0.93 26.43 -7.15
C GLY A 38 0.85 27.71 -7.97
N ASN A 39 1.93 28.49 -7.95
CA ASN A 39 2.02 29.70 -8.76
C ASN A 39 2.89 29.50 -10.00
N ALA A 40 3.02 28.27 -10.48
CA ALA A 40 3.90 27.98 -11.58
C ALA A 40 3.41 28.65 -12.87
N GLU A 41 4.36 28.98 -13.74
CA GLU A 41 4.06 29.63 -15.01
C GLU A 41 3.50 28.60 -15.99
N HIS A 42 3.42 28.97 -17.27
CA HIS A 42 2.75 28.14 -18.27
C HIS A 42 3.44 26.80 -18.51
N TRP A 43 4.72 26.67 -18.14
CA TRP A 43 5.40 25.40 -18.31
C TRP A 43 4.73 24.26 -17.57
N TYR A 44 3.90 24.57 -16.56
CA TYR A 44 3.34 23.52 -15.71
C TYR A 44 2.43 22.59 -16.50
N ALA A 45 1.67 23.13 -17.46
CA ALA A 45 0.77 22.29 -18.23
C ALA A 45 1.50 21.16 -18.93
N GLN A 46 2.65 21.46 -19.55
CA GLN A 46 3.39 20.44 -20.27
C GLN A 46 3.99 19.39 -19.32
N VAL A 47 4.50 19.83 -18.15
CA VAL A 47 5.01 18.87 -17.17
C VAL A 47 3.89 17.95 -16.70
N GLU A 48 2.74 18.54 -16.37
CA GLU A 48 1.62 17.73 -15.88
C GLU A 48 1.15 16.73 -16.93
N GLN A 49 1.05 17.18 -18.19
N GLN A 49 1.06 17.18 -18.19
CA GLN A 49 0.63 16.29 -19.26
CA GLN A 49 0.63 16.29 -19.27
C GLN A 49 1.64 15.17 -19.48
C GLN A 49 1.64 15.18 -19.50
N ASN A 50 2.93 15.51 -19.45
CA ASN A 50 3.97 14.49 -19.63
C ASN A 50 3.97 13.49 -18.48
N LEU A 51 3.74 13.96 -17.25
CA LEU A 51 3.67 13.05 -16.11
C LEU A 51 2.43 12.18 -16.18
N ASN A 52 1.29 12.77 -16.54
CA ASN A 52 0.06 11.99 -16.67
C ASN A 52 0.20 10.90 -17.74
N ALA A 53 1.02 11.15 -18.77
CA ALA A 53 1.18 10.15 -19.81
C ALA A 53 1.92 8.92 -19.28
N VAL A 54 2.96 9.14 -18.47
CA VAL A 54 3.65 8.02 -17.82
C VAL A 54 2.70 7.29 -16.90
N GLN A 55 1.92 8.03 -16.12
CA GLN A 55 1.04 7.40 -15.13
C GLN A 55 -0.09 6.63 -15.81
N LYS A 56 -0.59 7.13 -16.94
CA LYS A 56 -1.58 6.37 -17.70
C LYS A 56 -1.00 5.03 -18.16
N LEU A 57 0.25 5.02 -18.63
CA LEU A 57 0.87 3.77 -19.05
C LEU A 57 0.94 2.77 -17.90
N VAL A 58 1.24 3.25 -16.69
CA VAL A 58 1.31 2.34 -15.54
C VAL A 58 -0.07 1.80 -15.21
N ARG A 59 -1.10 2.65 -15.25
CA ARG A 59 -2.46 2.18 -15.00
C ARG A 59 -2.88 1.15 -16.03
N GLN A 60 -2.50 1.35 -17.29
CA GLN A 60 -2.84 0.37 -18.33
C GLN A 60 -2.11 -0.94 -18.10
N TRP A 61 -0.84 -0.88 -17.73
CA TRP A 61 -0.08 -2.09 -17.39
C TRP A 61 -0.77 -2.88 -16.28
N ARG A 62 -1.28 -2.19 -15.26
CA ARG A 62 -1.94 -2.87 -14.17
C ARG A 62 -3.30 -3.40 -14.59
N LEU A 63 -4.06 -2.62 -15.37
CA LEU A 63 -5.34 -3.11 -15.87
C LEU A 63 -5.18 -4.32 -16.77
N SER A 64 -4.01 -4.51 -17.37
CA SER A 64 -3.75 -5.70 -18.16
C SER A 64 -3.51 -6.93 -17.31
N GLY A 65 -3.56 -6.79 -15.99
CA GLY A 65 -3.41 -7.91 -15.09
C GLY A 65 -2.02 -8.07 -14.49
N ASN A 66 -1.15 -7.10 -14.68
CA ASN A 66 0.24 -7.22 -14.22
C ASN A 66 0.35 -6.60 -12.83
N LEU A 67 0.53 -7.45 -11.81
CA LEU A 67 0.72 -6.96 -10.46
C LEU A 67 2.15 -7.23 -10.03
N TYR A 68 2.36 -8.22 -9.18
CA TYR A 68 3.69 -8.48 -8.64
C TYR A 68 4.53 -9.40 -9.51
N PHE A 69 3.91 -10.30 -10.28
CA PHE A 69 4.67 -11.17 -11.17
C PHE A 69 3.73 -11.74 -12.22
N SER A 70 4.32 -12.29 -13.27
CA SER A 70 3.55 -12.88 -14.36
C SER A 70 2.79 -14.10 -13.86
N ASN A 71 1.45 -14.02 -13.87
CA ASN A 71 0.63 -15.16 -13.47
C ASN A 71 0.83 -16.34 -14.42
N ASP A 72 0.96 -16.07 -15.72
CA ASP A 72 1.12 -17.14 -16.70
C ASP A 72 2.43 -17.91 -16.46
N ILE A 73 3.52 -17.18 -16.18
CA ILE A 73 4.79 -17.86 -15.94
C ILE A 73 4.74 -18.63 -14.64
N MET A 74 4.19 -18.03 -13.58
CA MET A 74 4.09 -18.71 -12.30
C MET A 74 3.26 -19.97 -12.41
N ASP A 75 2.12 -19.89 -13.09
CA ASP A 75 1.25 -21.07 -13.21
C ASP A 75 1.93 -22.18 -14.00
N SER A 76 2.76 -21.83 -14.99
CA SER A 76 3.49 -22.85 -15.73
C SER A 76 4.56 -23.49 -14.87
N VAL A 77 5.26 -22.70 -14.05
CA VAL A 77 6.22 -23.26 -13.11
C VAL A 77 5.52 -24.23 -12.17
N LEU A 78 4.38 -23.82 -11.62
CA LEU A 78 3.62 -24.70 -10.74
C LEU A 78 3.13 -25.93 -11.49
N SER A 79 2.81 -25.78 -12.78
CA SER A 79 2.36 -26.91 -13.57
C SER A 79 3.46 -27.96 -13.70
N ILE A 80 4.70 -27.54 -13.95
CA ILE A 80 5.80 -28.48 -14.01
C ILE A 80 6.02 -29.13 -12.64
N ALA A 81 6.03 -28.31 -11.59
CA ALA A 81 6.30 -28.82 -10.25
C ALA A 81 5.24 -29.82 -9.82
N ASN A 82 3.97 -29.57 -10.14
CA ASN A 82 2.91 -30.50 -9.76
C ASN A 82 2.92 -31.76 -10.62
N THR A 83 3.43 -31.67 -11.85
CA THR A 83 3.58 -32.87 -12.67
C THR A 83 4.64 -33.79 -12.08
N PHE A 84 5.75 -33.24 -11.60
CA PHE A 84 6.73 -34.03 -10.86
C PHE A 84 6.11 -34.66 -9.63
N LYS A 85 5.36 -33.86 -8.87
CA LYS A 85 4.81 -34.33 -7.59
C LYS A 85 3.82 -35.48 -7.81
N ASP A 86 2.90 -35.31 -8.76
CA ASP A 86 1.85 -36.32 -8.95
C ASP A 86 2.36 -37.59 -9.60
N SER A 87 3.45 -37.53 -10.35
CA SER A 87 3.98 -38.68 -11.05
C SER A 87 5.08 -39.41 -10.27
N ASN A 88 5.44 -38.91 -9.09
CA ASN A 88 6.67 -39.36 -8.43
C ASN A 88 6.59 -40.83 -8.02
N VAL A 89 5.52 -41.21 -7.32
CA VAL A 89 5.44 -42.59 -6.81
C VAL A 89 5.39 -43.58 -7.96
N GLN A 90 4.64 -43.26 -9.01
CA GLN A 90 4.56 -44.14 -10.18
C GLN A 90 5.94 -44.31 -10.81
N ILE A 91 6.65 -43.21 -11.02
CA ILE A 91 7.97 -43.27 -11.66
C ILE A 91 8.94 -44.05 -10.80
N LEU A 92 8.93 -43.82 -9.48
CA LEU A 92 9.89 -44.49 -8.60
C LEU A 92 9.64 -45.99 -8.55
N THR A 93 8.38 -46.41 -8.60
CA THR A 93 8.07 -47.84 -8.54
C THR A 93 8.47 -48.55 -9.84
N LEU A 94 8.27 -47.88 -10.98
CA LEU A 94 8.68 -48.47 -12.26
C LEU A 94 10.20 -48.58 -12.35
N PHE A 95 10.91 -47.55 -11.89
CA PHE A 95 12.36 -47.64 -11.82
C PHE A 95 12.81 -48.81 -10.94
N LYS A 96 12.14 -49.00 -9.81
CA LYS A 96 12.51 -50.07 -8.89
C LYS A 96 12.25 -51.44 -9.50
N ALA A 97 11.08 -51.62 -10.13
CA ALA A 97 10.77 -52.90 -10.74
C ALA A 97 11.67 -53.17 -11.95
N LEU A 98 11.95 -52.15 -12.75
CA LEU A 98 12.84 -52.32 -13.89
C LEU A 98 14.26 -52.68 -13.43
N GLU A 99 14.66 -52.20 -12.25
CA GLU A 99 15.98 -52.55 -11.75
C GLU A 99 16.08 -54.04 -11.45
N THR A 100 15.10 -54.58 -10.73
CA THR A 100 15.10 -56.00 -10.39
C THR A 100 15.11 -56.86 -11.66
N ARG A 101 14.15 -56.63 -12.54
CA ARG A 101 14.03 -57.40 -13.78
C ARG A 101 13.66 -56.45 -14.90
N PHE A 102 14.47 -56.45 -15.96
CA PHE A 102 14.17 -55.64 -17.14
C PHE A 102 12.88 -56.11 -17.78
N ASP A 103 11.92 -55.20 -17.91
CA ASP A 103 10.63 -55.48 -18.52
C ASP A 103 10.36 -54.43 -19.60
N THR A 104 10.06 -54.89 -20.81
CA THR A 104 9.84 -53.96 -21.92
C THR A 104 8.60 -53.11 -21.70
N ALA A 105 7.51 -53.74 -21.26
CA ALA A 105 6.26 -53.01 -21.07
C ALA A 105 6.41 -51.92 -20.01
N GLN A 106 7.02 -52.27 -18.87
CA GLN A 106 7.23 -51.27 -17.82
C GLN A 106 8.15 -50.15 -18.28
N LEU A 107 9.11 -50.47 -19.15
CA LEU A 107 10.01 -49.43 -19.66
C LEU A 107 9.25 -48.41 -20.51
N GLN A 108 8.31 -48.87 -21.34
CA GLN A 108 7.51 -47.96 -22.14
C GLN A 108 6.61 -47.10 -21.27
N GLN A 109 6.12 -47.65 -20.16
CA GLN A 109 5.29 -46.87 -19.25
C GLN A 109 6.11 -45.78 -18.57
N LEU A 110 7.30 -46.13 -18.08
CA LEU A 110 8.19 -45.13 -17.48
C LEU A 110 8.55 -44.06 -18.49
N THR A 111 8.84 -44.46 -19.73
CA THR A 111 9.17 -43.49 -20.78
C THR A 111 8.01 -42.53 -21.02
N SER A 112 6.78 -43.06 -21.08
CA SER A 112 5.63 -42.20 -21.28
C SER A 112 5.41 -41.27 -20.09
N LEU A 113 5.72 -41.73 -18.88
CA LEU A 113 5.61 -40.85 -17.71
C LEU A 113 6.61 -39.70 -17.79
N ILE A 114 7.82 -39.97 -18.30
CA ILE A 114 8.80 -38.89 -18.44
C ILE A 114 8.35 -37.91 -19.52
N LEU A 115 7.84 -38.42 -20.64
CA LEU A 115 7.36 -37.56 -21.72
C LEU A 115 6.26 -36.61 -21.27
N THR A 116 5.53 -36.96 -20.20
CA THR A 116 4.47 -36.08 -19.71
C THR A 116 5.02 -34.78 -19.16
N LEU A 117 6.32 -34.71 -18.87
CA LEU A 117 6.93 -33.47 -18.41
C LEU A 117 7.06 -32.43 -19.52
N GLN A 118 7.02 -32.85 -20.79
CA GLN A 118 7.40 -31.95 -21.88
C GLN A 118 6.32 -30.91 -22.16
N ASN A 119 5.06 -31.30 -22.06
CA ASN A 119 3.98 -30.34 -22.31
C ASN A 119 4.04 -29.15 -21.36
N PRO A 120 4.13 -29.32 -20.04
CA PRO A 120 4.25 -28.13 -19.18
C PRO A 120 5.52 -27.34 -19.40
N ILE A 121 6.63 -28.01 -19.71
CA ILE A 121 7.89 -27.30 -19.94
C ILE A 121 7.77 -26.39 -21.15
N GLN A 122 7.18 -26.91 -22.25
CA GLN A 122 7.00 -26.07 -23.44
C GLN A 122 6.04 -24.92 -23.18
N SER A 123 5.03 -25.13 -22.33
CA SER A 123 4.11 -24.05 -22.00
C SER A 123 4.80 -22.95 -21.21
N LEU A 124 5.77 -23.31 -20.36
CA LEU A 124 6.57 -22.30 -19.68
C LEU A 124 7.36 -21.47 -20.68
N THR A 125 8.02 -22.13 -21.64
CA THR A 125 8.76 -21.39 -22.65
C THR A 125 7.84 -20.44 -23.42
N SER A 126 6.65 -20.94 -23.80
CA SER A 126 5.70 -20.11 -24.53
C SER A 126 5.26 -18.92 -23.67
N ASN A 127 4.96 -19.16 -22.39
CA ASN A 127 4.49 -18.08 -21.53
C ASN A 127 5.61 -17.09 -21.21
N ILE A 128 6.86 -17.53 -21.20
CA ILE A 128 7.96 -16.58 -21.05
C ILE A 128 8.05 -15.68 -22.28
N LYS A 129 7.95 -16.27 -23.47
CA LYS A 129 8.06 -15.49 -24.70
C LYS A 129 6.93 -14.47 -24.81
N ARG A 130 5.69 -14.88 -24.52
CA ARG A 130 4.56 -13.98 -24.64
C ARG A 130 4.65 -12.82 -23.64
N TYR A 131 4.99 -13.12 -22.40
CA TYR A 131 5.12 -12.07 -21.40
C TYR A 131 6.22 -11.10 -21.78
N ASP A 132 7.39 -11.62 -22.18
CA ASP A 132 8.51 -10.74 -22.50
C ASP A 132 8.23 -9.88 -23.72
N GLU A 133 7.48 -10.40 -24.70
CA GLU A 133 7.10 -9.59 -25.84
C GLU A 133 6.21 -8.45 -25.41
N GLY A 134 5.20 -8.73 -24.57
CA GLY A 134 4.33 -7.67 -24.09
C GLY A 134 5.04 -6.68 -23.18
N LEU A 135 5.98 -7.17 -22.36
CA LEU A 135 6.74 -6.29 -21.49
C LEU A 135 7.56 -5.31 -22.32
N ASN A 136 8.24 -5.81 -23.35
CA ASN A 136 9.11 -4.95 -24.15
C ASN A 136 8.30 -3.91 -24.92
N ALA A 137 7.13 -4.30 -25.44
CA ALA A 137 6.28 -3.35 -26.13
C ALA A 137 5.87 -2.21 -25.21
N TRP A 138 5.47 -2.56 -23.98
CA TRP A 138 5.10 -1.55 -23.00
C TRP A 138 6.30 -0.73 -22.57
N ALA A 139 7.46 -1.39 -22.39
CA ALA A 139 8.65 -0.68 -21.91
C ALA A 139 9.12 0.38 -22.89
N ARG A 140 8.94 0.13 -24.20
N ARG A 140 8.93 0.13 -24.19
CA ARG A 140 9.32 1.14 -25.19
CA ARG A 140 9.32 1.13 -25.19
C ARG A 140 8.42 2.37 -25.08
C ARG A 140 8.43 2.37 -25.09
N GLN A 141 7.14 2.17 -24.77
CA GLN A 141 6.25 3.31 -24.55
C GLN A 141 6.65 4.11 -23.32
N VAL A 142 7.01 3.42 -22.24
CA VAL A 142 7.41 4.11 -21.01
C VAL A 142 8.71 4.86 -21.23
N GLU A 143 9.66 4.26 -21.94
CA GLU A 143 10.92 4.94 -22.23
C GLU A 143 10.68 6.21 -23.04
N ASP A 144 9.82 6.13 -24.06
CA ASP A 144 9.48 7.31 -24.85
C ASP A 144 8.80 8.37 -23.98
N ALA A 145 7.92 7.95 -23.08
CA ALA A 145 7.25 8.91 -22.19
C ALA A 145 8.24 9.52 -21.22
N HIS A 146 9.17 8.72 -20.71
CA HIS A 146 10.23 9.22 -19.84
C HIS A 146 11.07 10.28 -20.54
N ASN A 147 11.49 9.98 -21.77
CA ASN A 147 12.35 10.92 -22.49
C ASN A 147 11.64 12.23 -22.76
N THR A 148 10.34 12.20 -23.01
CA THR A 148 9.59 13.42 -23.26
C THR A 148 9.52 14.29 -22.01
N LEU A 149 9.19 13.69 -20.87
CA LEU A 149 9.17 14.43 -19.61
C LEU A 149 10.55 14.95 -19.26
N GLN A 150 11.58 14.13 -19.50
CA GLN A 150 12.95 14.55 -19.21
C GLN A 150 13.35 15.75 -20.08
N GLN A 151 13.02 15.71 -21.37
CA GLN A 151 13.35 16.84 -22.25
C GLN A 151 12.60 18.09 -21.85
N THR A 152 11.32 17.95 -21.47
CA THR A 152 10.54 19.10 -21.02
C THR A 152 11.16 19.73 -19.78
N ILE A 153 11.55 18.91 -18.80
CA ILE A 153 12.17 19.44 -17.59
C ILE A 153 13.50 20.11 -17.91
N ALA A 154 14.30 19.48 -18.77
CA ALA A 154 15.61 20.03 -19.12
C ALA A 154 15.47 21.44 -19.70
N GLN A 155 14.49 21.64 -20.59
CA GLN A 155 14.33 22.94 -21.22
C GLN A 155 13.86 23.99 -20.21
N ILE A 156 13.00 23.58 -19.27
CA ILE A 156 12.54 24.52 -18.25
C ILE A 156 13.69 24.95 -17.37
N GLN A 157 14.53 24.00 -16.95
CA GLN A 157 15.61 24.33 -16.04
C GLN A 157 16.69 25.15 -16.74
N GLN A 158 16.81 25.03 -18.06
CA GLN A 158 17.78 25.82 -18.81
C GLN A 158 17.44 27.31 -18.82
N GLU A 159 16.15 27.65 -18.80
CA GLU A 159 15.73 29.04 -18.89
C GLU A 159 15.85 29.79 -17.57
N GLU A 160 16.01 29.09 -16.45
CA GLU A 160 16.16 29.74 -15.15
C GLU A 160 17.65 30.01 -14.91
N VAL A 161 18.14 31.04 -15.61
CA VAL A 161 19.58 31.27 -15.71
C VAL A 161 20.19 31.73 -14.40
N SER A 162 19.43 32.44 -13.57
CA SER A 162 19.98 33.02 -12.35
C SER A 162 20.16 32.02 -11.22
N ILE A 163 19.57 30.83 -11.32
CA ILE A 163 19.68 29.86 -10.23
C ILE A 163 20.25 28.54 -10.74
N GLN A 164 21.11 28.61 -11.75
CA GLN A 164 21.71 27.38 -12.28
C GLN A 164 22.50 26.65 -11.20
N ALA A 165 23.19 27.39 -10.33
CA ALA A 165 23.96 26.76 -9.26
C ALA A 165 23.09 25.86 -8.40
N GLU A 166 21.92 26.36 -7.98
CA GLU A 166 21.04 25.59 -7.12
C GLU A 166 20.42 24.40 -7.86
N ILE A 167 20.12 24.57 -9.15
CA ILE A 167 19.54 23.48 -9.93
C ILE A 167 20.56 22.37 -10.14
N ILE A 168 21.81 22.74 -10.46
CA ILE A 168 22.85 21.73 -10.65
C ILE A 168 23.08 20.95 -9.36
N ALA A 169 23.13 21.65 -8.22
CA ALA A 169 23.31 20.98 -6.94
C ALA A 169 22.16 20.03 -6.64
N THR A 170 20.93 20.47 -6.93
CA THR A 170 19.77 19.62 -6.70
C THR A 170 19.82 18.38 -7.58
N ASN A 171 20.11 18.56 -8.88
CA ASN A 171 20.19 17.41 -9.77
C ASN A 171 21.30 16.45 -9.35
N ALA A 172 22.40 16.96 -8.80
CA ALA A 172 23.46 16.09 -8.30
C ALA A 172 22.95 15.18 -7.19
N GLN A 173 22.12 15.73 -6.30
CA GLN A 173 21.58 14.93 -5.20
C GLN A 173 20.52 13.95 -5.69
N ILE A 174 19.78 14.33 -6.73
CA ILE A 174 18.82 13.39 -7.30
C ILE A 174 19.57 12.21 -7.94
N ASP A 175 20.70 12.51 -8.60
CA ASP A 175 21.53 11.43 -9.12
C ASP A 175 22.08 10.57 -7.98
N LEU A 176 22.44 11.19 -6.86
CA LEU A 176 22.90 10.42 -5.71
C LEU A 176 21.81 9.49 -5.20
N MET A 177 20.57 9.99 -5.17
CA MET A 177 19.46 9.12 -4.76
C MET A 177 19.35 7.91 -5.68
N LYS A 178 19.53 8.11 -6.99
CA LYS A 178 19.50 6.99 -7.92
C LYS A 178 20.58 5.97 -7.61
N GLN A 179 21.78 6.44 -7.26
CA GLN A 179 22.84 5.52 -6.85
C GLN A 179 22.50 4.83 -5.54
N GLN A 180 21.84 5.53 -4.63
CA GLN A 180 21.48 4.93 -3.35
C GLN A 180 20.41 3.86 -3.54
N ILE A 181 19.46 4.09 -4.45
CA ILE A 181 18.50 3.04 -4.81
C ILE A 181 19.22 1.86 -5.44
N ALA A 182 20.16 2.13 -6.35
CA ALA A 182 20.93 1.05 -6.96
C ALA A 182 21.68 0.24 -5.90
N ALA A 183 22.20 0.92 -4.87
CA ALA A 183 22.96 0.22 -3.83
C ALA A 183 22.04 -0.72 -3.05
N PHE A 184 20.81 -0.32 -2.79
CA PHE A 184 19.85 -1.20 -2.13
C PHE A 184 19.62 -2.46 -2.96
N LYS A 185 19.29 -2.29 -4.23
CA LYS A 185 18.99 -3.44 -5.09
C LYS A 185 20.20 -4.34 -5.25
N THR A 186 21.41 -3.77 -5.24
CA THR A 186 22.62 -4.60 -5.27
C THR A 186 22.75 -5.42 -4.00
N ALA A 187 22.57 -4.79 -2.84
CA ALA A 187 22.65 -5.51 -1.58
C ALA A 187 21.64 -6.64 -1.51
N ILE A 188 20.43 -6.40 -2.02
CA ILE A 188 19.40 -7.45 -2.03
C ILE A 188 19.84 -8.63 -2.88
N ALA A 189 20.35 -8.34 -4.08
CA ALA A 189 20.82 -9.40 -4.96
C ALA A 189 21.94 -10.22 -4.32
N ASN A 190 22.67 -9.65 -3.36
CA ASN A 190 23.71 -10.38 -2.65
C ASN A 190 23.11 -11.30 -1.59
N ALA A 191 22.74 -10.74 -0.45
CA ALA A 191 22.24 -11.51 0.69
C ALA A 191 21.03 -12.36 0.33
N GLN A 194 18.83 -14.89 1.53
CA GLN A 194 18.30 -16.13 0.99
C GLN A 194 17.50 -16.88 2.05
N ARG A 195 16.60 -16.17 2.72
CA ARG A 195 15.84 -16.68 3.84
C ARG A 195 14.45 -17.08 3.37
N LYS A 196 13.50 -17.20 4.31
CA LYS A 196 12.11 -17.49 3.95
C LYS A 196 11.57 -16.36 3.07
N LYS A 197 10.81 -16.73 2.07
CA LYS A 197 10.42 -15.81 1.01
C LYS A 197 9.07 -15.15 1.30
N GLY A 198 8.85 -14.04 0.63
CA GLY A 198 7.59 -13.35 0.69
C GLY A 198 7.59 -12.25 -0.35
N ILE A 199 6.70 -11.28 -0.16
CA ILE A 199 6.66 -10.09 -1.01
C ILE A 199 6.72 -8.89 -0.08
N PHE A 200 7.83 -8.16 -0.12
CA PHE A 200 8.07 -7.04 0.78
C PHE A 200 8.32 -5.80 -0.06
N GLU A 201 7.60 -4.72 0.23
CA GLU A 201 7.58 -3.55 -0.63
C GLU A 201 7.62 -2.29 0.23
N THR A 202 8.41 -1.30 -0.20
CA THR A 202 8.45 -0.01 0.47
C THR A 202 8.33 1.10 -0.57
N ILE A 203 7.36 1.99 -0.37
CA ILE A 203 7.11 3.11 -1.27
C ILE A 203 7.56 4.38 -0.55
N PHE A 204 8.45 5.13 -1.17
CA PHE A 204 8.95 6.38 -0.61
C PHE A 204 8.24 7.57 -1.24
N GLY A 205 8.05 8.60 -0.44
CA GLY A 205 7.53 9.87 -0.94
C GLY A 205 8.43 11.00 -0.47
N VAL A 206 9.08 11.68 -1.41
CA VAL A 206 10.05 12.74 -1.10
C VAL A 206 9.35 14.08 -1.25
N VAL A 207 9.33 14.85 -0.17
CA VAL A 207 8.62 16.12 -0.11
C VAL A 207 9.54 17.22 -0.63
N LEU A 208 9.12 17.92 -1.68
CA LEU A 208 9.93 18.99 -2.25
C LEU A 208 9.07 20.23 -2.47
N ALA A 209 9.71 21.39 -2.40
CA ALA A 209 9.04 22.68 -2.42
C ALA A 209 7.93 22.76 -1.36
N PRO A 210 8.28 22.62 -0.08
CA PRO A 210 7.27 22.53 0.97
C PRO A 210 6.66 23.88 1.34
N PHE A 211 5.45 23.80 1.87
CA PHE A 211 4.81 24.91 2.56
C PHE A 211 5.27 24.92 4.02
N THR A 212 5.33 26.12 4.60
CA THR A 212 5.84 26.23 5.96
C THR A 212 4.93 25.53 6.97
N LEU A 213 3.63 25.49 6.72
CA LEU A 213 2.67 24.90 7.65
C LEU A 213 2.33 23.45 7.31
N GLY A 214 3.10 22.82 6.42
CA GLY A 214 2.84 21.44 6.07
C GLY A 214 2.46 21.27 4.61
N GLY A 215 2.73 20.10 4.06
CA GLY A 215 2.44 19.85 2.66
C GLY A 215 3.48 20.46 1.75
N SER A 216 3.24 20.32 0.45
CA SER A 216 4.24 20.73 -0.54
C SER A 216 3.61 20.77 -1.92
N LEU A 217 4.37 21.28 -2.88
CA LEU A 217 3.94 21.29 -4.28
C LEU A 217 4.35 20.03 -5.02
N ILE A 218 5.34 19.30 -4.53
CA ILE A 218 5.83 18.09 -5.17
C ILE A 218 5.91 16.98 -4.13
N LEU A 219 5.40 15.81 -4.47
CA LEU A 219 5.63 14.59 -3.71
C LEU A 219 6.16 13.57 -4.71
N ALA A 220 7.48 13.37 -4.70
CA ALA A 220 8.14 12.52 -5.69
C ALA A 220 8.25 11.12 -5.13
N GLY A 221 7.61 10.16 -5.80
CA GLY A 221 7.57 8.79 -5.32
C GLY A 221 8.59 7.90 -6.00
N PHE A 222 8.95 6.83 -5.31
CA PHE A 222 9.62 5.69 -5.92
C PHE A 222 9.45 4.50 -4.99
N GLY A 223 9.62 3.31 -5.54
CA GLY A 223 9.37 2.10 -4.79
C GLY A 223 10.47 1.09 -5.01
N VAL A 224 10.74 0.31 -3.97
CA VAL A 224 11.63 -0.83 -4.06
C VAL A 224 10.95 -2.01 -3.37
N SER A 225 11.49 -3.20 -3.62
CA SER A 225 10.89 -4.40 -3.07
C SER A 225 11.92 -5.52 -3.07
N SER A 226 11.57 -6.60 -2.38
CA SER A 226 12.38 -7.80 -2.34
C SER A 226 11.48 -8.98 -2.06
N ILE A 227 11.97 -10.17 -2.35
CA ILE A 227 11.24 -11.38 -1.98
C ILE A 227 11.84 -12.05 -0.74
N VAL A 228 12.83 -11.43 -0.12
CA VAL A 228 13.32 -11.83 1.19
C VAL A 228 13.29 -10.60 2.07
N GLU A 229 13.07 -10.81 3.37
CA GLU A 229 13.03 -9.68 4.28
C GLU A 229 14.39 -9.01 4.36
N ALA A 230 14.39 -7.68 4.35
CA ALA A 230 15.61 -6.91 4.20
C ALA A 230 15.51 -5.63 5.03
N GLN A 231 15.27 -5.81 6.33
CA GLN A 231 15.00 -4.67 7.20
C GLN A 231 16.23 -3.77 7.33
N SER A 232 17.42 -4.36 7.44
CA SER A 232 18.64 -3.55 7.54
C SER A 232 18.90 -2.80 6.24
N GLU A 233 18.64 -3.44 5.10
CA GLU A 233 18.91 -2.80 3.81
C GLU A 233 17.96 -1.63 3.57
N ILE A 234 16.67 -1.81 3.89
CA ILE A 234 15.70 -0.74 3.65
C ILE A 234 15.91 0.41 4.64
N SER A 235 16.38 0.10 5.85
CA SER A 235 16.68 1.16 6.81
C SER A 235 17.86 2.00 6.34
N SER A 236 18.89 1.35 5.80
CA SER A 236 20.02 2.10 5.25
C SER A 236 19.59 2.94 4.05
N LEU A 237 18.76 2.38 3.17
CA LEU A 237 18.26 3.17 2.05
C LEU A 237 17.50 4.40 2.53
N GLN A 238 16.64 4.24 3.53
CA GLN A 238 15.88 5.39 4.01
C GLN A 238 16.80 6.46 4.58
N SER A 239 17.79 6.03 5.37
CA SER A 239 18.76 6.97 5.93
C SER A 239 19.55 7.67 4.83
N ASP A 240 19.88 6.94 3.77
CA ASP A 240 20.58 7.53 2.63
C ASP A 240 19.72 8.57 1.93
N ILE A 241 18.46 8.22 1.62
CA ILE A 241 17.57 9.15 0.92
C ILE A 241 17.30 10.37 1.80
N GLN A 242 17.15 10.15 3.11
CA GLN A 242 16.92 11.27 4.02
C GLN A 242 18.09 12.24 3.99
N SER A 243 19.32 11.71 3.97
N SER A 243 19.32 11.72 3.96
CA SER A 243 20.50 12.56 3.94
CA SER A 243 20.48 12.60 3.94
C SER A 243 20.56 13.38 2.64
C SER A 243 20.56 13.38 2.64
N SER A 244 20.23 12.74 1.52
CA SER A 244 20.24 13.46 0.24
C SER A 244 19.20 14.57 0.20
N LEU A 245 18.02 14.31 0.76
CA LEU A 245 16.99 15.34 0.80
C LEU A 245 17.38 16.49 1.71
N ASN A 246 18.02 16.19 2.86
CA ASN A 246 18.52 17.25 3.72
C ASN A 246 19.52 18.13 2.99
N THR A 247 20.37 17.52 2.16
CA THR A 247 21.32 18.29 1.36
C THR A 247 20.60 19.16 0.33
N ILE A 248 19.54 18.63 -0.28
CA ILE A 248 18.74 19.42 -1.22
C ILE A 248 18.17 20.63 -0.52
N ASN A 249 17.59 20.44 0.67
CA ASN A 249 17.00 21.56 1.40
C ASN A 249 18.06 22.59 1.73
N HIS A 250 19.26 22.15 2.11
CA HIS A 250 20.34 23.09 2.37
C HIS A 250 20.75 23.82 1.10
N ASP A 251 20.87 23.11 -0.01
CA ASP A 251 21.29 23.73 -1.26
C ASP A 251 20.22 24.62 -1.86
N GLN A 252 18.96 24.46 -1.47
CA GLN A 252 17.88 25.31 -1.98
C GLN A 252 17.49 26.42 -1.00
N GLN A 253 18.30 26.67 0.03
CA GLN A 253 17.90 27.63 1.06
C GLN A 253 17.74 29.05 0.49
N THR A 254 18.45 29.37 -0.59
CA THR A 254 18.35 30.69 -1.20
C THR A 254 17.19 30.82 -2.18
N LEU A 255 16.39 29.76 -2.38
CA LEU A 255 15.35 29.74 -3.39
C LEU A 255 13.98 29.95 -2.76
N SER A 256 13.13 30.71 -3.45
CA SER A 256 11.72 30.76 -3.08
C SER A 256 11.07 29.40 -3.32
N GLN A 257 9.88 29.21 -2.75
CA GLN A 257 9.13 27.99 -3.02
C GLN A 257 8.89 27.81 -4.51
N ASP A 258 8.56 28.89 -5.23
CA ASP A 258 8.38 28.81 -6.67
C ASP A 258 9.66 28.34 -7.36
N GLN A 259 10.81 28.86 -6.93
CA GLN A 259 12.08 28.43 -7.51
C GLN A 259 12.40 26.99 -7.12
N GLN A 260 12.06 26.60 -5.89
CA GLN A 260 12.27 25.21 -5.47
C GLN A 260 11.45 24.27 -6.35
N GLN A 261 10.26 24.69 -6.73
CA GLN A 261 9.41 23.86 -7.59
C GLN A 261 10.13 23.54 -8.90
N ILE A 262 10.73 24.56 -9.52
CA ILE A 262 11.46 24.35 -10.77
C ILE A 262 12.73 23.54 -10.52
N ALA A 263 13.47 23.89 -9.48
CA ALA A 263 14.76 23.25 -9.23
C ALA A 263 14.64 21.76 -8.91
N SER A 264 13.46 21.32 -8.46
CA SER A 264 13.26 19.94 -8.01
C SER A 264 12.59 19.05 -9.05
N LEU A 265 12.33 19.56 -10.26
CA LEU A 265 11.47 18.84 -11.21
C LEU A 265 12.02 17.47 -11.57
N ASN A 266 13.34 17.29 -11.60
CA ASN A 266 13.84 15.98 -12.02
C ASN A 266 13.56 14.88 -11.02
N ALA A 267 13.14 15.22 -9.78
CA ALA A 267 12.70 14.17 -8.86
C ALA A 267 11.48 13.43 -9.39
N LEU A 268 10.71 14.07 -10.28
CA LEU A 268 9.59 13.39 -10.93
C LEU A 268 10.05 12.22 -11.79
N LEU A 269 11.31 12.20 -12.19
CA LEU A 269 11.83 11.13 -13.03
C LEU A 269 12.32 9.93 -12.22
N LEU A 270 12.35 10.04 -10.89
CA LEU A 270 12.97 8.98 -10.07
C LEU A 270 12.28 7.65 -10.26
N SER A 271 10.95 7.60 -10.13
N SER A 271 10.95 7.64 -10.10
CA SER A 271 10.34 6.27 -10.25
CA SER A 271 10.17 6.42 -10.24
C SER A 271 10.09 5.86 -11.69
C SER A 271 10.20 5.90 -11.67
N VAL A 272 10.01 6.80 -12.63
CA VAL A 272 9.97 6.40 -14.04
C VAL A 272 11.29 5.76 -14.45
N ASP A 273 12.40 6.35 -14.01
CA ASP A 273 13.71 5.76 -14.26
C ASP A 273 13.81 4.36 -13.66
N GLN A 274 13.20 4.15 -12.49
CA GLN A 274 13.22 2.80 -11.90
C GLN A 274 12.43 1.83 -12.77
N VAL A 275 11.31 2.27 -13.34
CA VAL A 275 10.54 1.41 -14.23
C VAL A 275 11.41 0.97 -15.41
N ASN A 276 12.09 1.93 -16.05
CA ASN A 276 12.96 1.60 -17.18
C ASN A 276 14.01 0.56 -16.78
N ASN A 277 14.72 0.82 -15.68
CA ASN A 277 15.75 -0.11 -15.22
C ASN A 277 15.16 -1.48 -14.92
N ASP A 278 13.97 -1.52 -14.30
CA ASP A 278 13.41 -2.79 -13.87
C ASP A 278 12.91 -3.60 -15.06
N CYS A 279 12.36 -2.93 -16.09
CA CYS A 279 11.94 -3.64 -17.29
C CYS A 279 13.12 -4.33 -17.96
N ALA A 280 14.23 -3.61 -18.11
CA ALA A 280 15.41 -4.20 -18.71
C ALA A 280 15.92 -5.37 -17.86
N ALA A 281 15.84 -5.24 -16.54
CA ALA A 281 16.35 -6.29 -15.67
C ALA A 281 15.49 -7.54 -15.74
N ILE A 282 14.17 -7.38 -15.86
CA ILE A 282 13.30 -8.53 -16.08
C ILE A 282 13.67 -9.25 -17.36
N SER A 283 13.81 -8.50 -18.46
CA SER A 283 14.12 -9.14 -19.75
C SER A 283 15.44 -9.90 -19.69
N ARG A 284 16.46 -9.32 -19.03
CA ARG A 284 17.71 -10.04 -18.86
C ARG A 284 17.50 -11.34 -18.11
N SER A 285 16.69 -11.31 -17.04
CA SER A 285 16.44 -12.53 -16.27
C SER A 285 15.60 -13.53 -17.06
N LEU A 286 14.72 -13.05 -17.94
CA LEU A 286 13.91 -13.97 -18.73
C LEU A 286 14.72 -14.63 -19.84
N ASP A 287 15.73 -13.94 -20.38
CA ASP A 287 16.61 -14.59 -21.34
C ASP A 287 17.39 -15.72 -20.67
N THR A 288 17.91 -15.47 -19.47
CA THR A 288 18.56 -16.53 -18.70
C THR A 288 17.58 -17.66 -18.39
N LEU A 289 16.38 -17.30 -17.94
CA LEU A 289 15.38 -18.31 -17.60
C LEU A 289 15.02 -19.15 -18.81
N GLN A 290 14.83 -18.53 -19.97
CA GLN A 290 14.43 -19.28 -21.15
C GLN A 290 15.52 -20.24 -21.60
N THR A 291 16.79 -19.83 -21.51
CA THR A 291 17.88 -20.72 -21.84
C THR A 291 17.91 -21.93 -20.92
N THR A 292 17.65 -21.73 -19.64
CA THR A 292 17.69 -22.83 -18.68
C THR A 292 16.50 -23.76 -18.87
N VAL A 293 15.33 -23.21 -19.19
CA VAL A 293 14.15 -24.04 -19.43
C VAL A 293 14.34 -24.89 -20.68
N LEU A 294 14.93 -24.31 -21.73
CA LEU A 294 15.25 -25.08 -22.91
C LEU A 294 16.26 -26.19 -22.60
N SER A 295 17.22 -25.89 -21.71
CA SER A 295 18.16 -26.91 -21.27
C SER A 295 17.44 -28.05 -20.55
N LEU A 296 16.43 -27.72 -19.74
CA LEU A 296 15.66 -28.77 -19.09
C LEU A 296 14.88 -29.59 -20.10
N TYR A 297 14.28 -28.93 -21.09
CA TYR A 297 13.58 -29.66 -22.15
C TYR A 297 14.50 -30.64 -22.85
N ASN A 298 15.73 -30.19 -23.17
CA ASN A 298 16.68 -31.07 -23.84
C ASN A 298 17.12 -32.21 -22.92
N GLU A 299 17.20 -31.97 -21.61
CA GLU A 299 17.51 -33.04 -20.68
C GLU A 299 16.46 -34.14 -20.75
N THR A 300 15.18 -33.76 -20.81
CA THR A 300 14.12 -34.76 -20.89
C THR A 300 14.17 -35.53 -22.21
N ASN A 301 14.59 -34.87 -23.29
CA ASN A 301 14.75 -35.57 -24.57
C ASN A 301 15.90 -36.57 -24.49
N ASN A 302 16.99 -36.22 -23.81
CA ASN A 302 18.10 -37.15 -23.66
C ASN A 302 17.71 -38.35 -22.81
N VAL A 303 16.90 -38.13 -21.79
CA VAL A 303 16.48 -39.22 -20.91
C VAL A 303 15.51 -40.16 -21.63
N VAL A 304 14.55 -39.60 -22.38
CA VAL A 304 13.60 -40.47 -23.07
C VAL A 304 14.30 -41.26 -24.17
N SER A 305 15.31 -40.67 -24.81
CA SER A 305 16.07 -41.43 -25.81
C SER A 305 16.89 -42.53 -25.15
N ASN A 306 17.47 -42.25 -23.98
CA ASN A 306 18.23 -43.27 -23.28
C ASN A 306 17.33 -44.39 -22.78
N LEU A 307 16.11 -44.06 -22.35
CA LEU A 307 15.17 -45.10 -21.96
C LEU A 307 14.71 -45.93 -23.15
N THR A 308 14.61 -45.31 -24.33
CA THR A 308 14.22 -46.06 -25.51
C THR A 308 15.36 -46.95 -26.01
N LYS A 309 16.59 -46.44 -26.00
CA LYS A 309 17.73 -47.24 -26.42
C LYS A 309 18.12 -48.32 -25.41
N ALA A 310 17.55 -48.28 -24.20
CA ALA A 310 17.95 -49.22 -23.16
C ALA A 310 17.45 -50.63 -23.48
N GLN A 311 18.34 -51.61 -23.31
CA GLN A 311 17.98 -53.01 -23.48
C GLN A 311 18.44 -53.88 -22.33
N ASP A 312 18.94 -53.28 -21.24
CA ASP A 312 19.26 -54.03 -20.02
C ASP A 312 18.92 -53.17 -18.81
N SER A 313 18.92 -53.82 -17.64
CA SER A 313 18.44 -53.16 -16.42
C SER A 313 19.36 -52.02 -16.00
N GLN A 314 20.67 -52.16 -16.20
CA GLN A 314 21.60 -51.16 -15.72
C GLN A 314 21.48 -49.85 -16.49
N ALA A 315 21.05 -49.90 -17.76
CA ALA A 315 20.88 -48.69 -18.54
C ALA A 315 19.72 -47.84 -18.05
N VAL A 316 18.75 -48.43 -17.35
CA VAL A 316 17.59 -47.68 -16.88
C VAL A 316 17.90 -46.98 -15.56
N ILE A 317 18.57 -47.67 -14.63
CA ILE A 317 18.95 -47.06 -13.37
C ILE A 317 19.87 -45.87 -13.60
N LEU A 318 20.63 -45.89 -14.70
CA LEU A 318 21.50 -44.77 -15.02
C LEU A 318 20.71 -43.47 -15.16
N GLU A 319 19.48 -43.56 -15.68
CA GLU A 319 18.64 -42.38 -15.83
C GLU A 319 17.89 -42.01 -14.56
N GLN A 320 17.84 -42.90 -13.57
CA GLN A 320 17.16 -42.58 -12.32
C GLN A 320 17.88 -41.47 -11.56
N VAL A 321 19.21 -41.41 -11.66
CA VAL A 321 19.95 -40.39 -10.94
C VAL A 321 19.56 -39.00 -11.44
N TRP A 322 19.30 -38.87 -12.74
CA TRP A 322 18.79 -37.60 -13.25
C TRP A 322 17.40 -37.31 -12.71
N TYR A 323 16.52 -38.32 -12.70
CA TYR A 323 15.16 -38.08 -12.26
C TYR A 323 15.12 -37.70 -10.78
N GLN A 324 15.78 -38.49 -9.93
CA GLN A 324 15.76 -38.21 -8.50
C GLN A 324 16.33 -36.84 -8.20
N SER A 325 17.43 -36.47 -8.87
CA SER A 325 17.98 -35.13 -8.70
C SER A 325 17.00 -34.06 -9.18
N ALA A 326 16.38 -34.28 -10.35
CA ALA A 326 15.40 -33.32 -10.85
C ALA A 326 14.23 -33.20 -9.89
N TYR A 327 13.72 -34.32 -9.38
CA TYR A 327 12.55 -34.28 -8.51
C TYR A 327 12.84 -33.53 -7.22
N ASN A 328 14.02 -33.75 -6.63
CA ASN A 328 14.36 -33.08 -5.38
C ASN A 328 14.42 -31.57 -5.57
N GLU A 329 15.00 -31.11 -6.67
CA GLU A 329 15.05 -29.67 -6.95
C GLU A 329 13.64 -29.12 -7.15
N TRP A 330 12.81 -29.84 -7.90
CA TRP A 330 11.48 -29.32 -8.23
C TRP A 330 10.53 -29.36 -7.04
N GLN A 331 10.80 -30.18 -6.03
CA GLN A 331 10.03 -30.09 -4.80
C GLN A 331 10.41 -28.84 -4.00
N ASP A 332 11.68 -28.42 -4.09
CA ASP A 332 12.06 -27.13 -3.53
C ASP A 332 11.44 -25.98 -4.31
N ILE A 333 11.43 -26.09 -5.64
CA ILE A 333 10.84 -25.05 -6.48
C ILE A 333 9.34 -24.92 -6.20
N LEU A 334 8.66 -26.06 -6.00
CA LEU A 334 7.25 -26.02 -5.66
C LEU A 334 7.01 -25.25 -4.36
N GLU A 335 7.89 -25.44 -3.38
CA GLU A 335 7.73 -24.76 -2.11
C GLU A 335 7.97 -23.26 -2.24
N VAL A 336 8.99 -22.87 -3.02
CA VAL A 336 9.30 -21.46 -3.20
C VAL A 336 8.23 -20.79 -4.05
N ALA A 337 7.83 -21.43 -5.15
CA ALA A 337 6.81 -20.85 -6.01
C ALA A 337 5.46 -20.76 -5.31
N SER A 338 5.11 -21.78 -4.53
CA SER A 338 3.85 -21.74 -3.78
C SER A 338 3.88 -20.61 -2.75
N THR A 339 5.01 -20.43 -2.07
CA THR A 339 5.12 -19.37 -1.08
C THR A 339 4.92 -18.00 -1.72
N LEU A 340 5.52 -17.77 -2.88
CA LEU A 340 5.39 -16.48 -3.54
C LEU A 340 4.02 -16.32 -4.18
N ASN A 341 3.47 -17.39 -4.76
CA ASN A 341 2.15 -17.29 -5.38
C ASN A 341 1.06 -17.04 -4.35
N ASN A 342 1.24 -17.50 -3.11
CA ASN A 342 0.23 -17.35 -2.06
C ASN A 342 0.51 -16.19 -1.13
N ALA A 343 1.59 -15.43 -1.35
CA ALA A 343 2.00 -14.42 -0.40
C ALA A 343 1.10 -13.19 -0.47
N GLN A 344 0.75 -12.66 0.70
CA GLN A 344 0.16 -11.34 0.60
C GLN A 344 1.26 -10.28 0.74
N PRO A 345 1.21 -9.23 -0.06
CA PRO A 345 2.28 -8.22 -0.03
C PRO A 345 2.35 -7.53 1.32
N GLN A 346 3.58 -7.37 1.81
CA GLN A 346 3.86 -6.66 3.06
C GLN A 346 4.42 -5.30 2.66
N ILE A 347 3.57 -4.27 2.69
CA ILE A 347 3.90 -2.96 2.15
C ILE A 347 4.10 -1.98 3.30
N THR A 348 5.15 -1.19 3.21
CA THR A 348 5.37 -0.07 4.11
C THR A 348 5.57 1.18 3.28
N LYS A 349 5.38 2.33 3.90
CA LYS A 349 5.54 3.61 3.22
C LYS A 349 6.35 4.53 4.11
N ALA A 350 7.17 5.36 3.47
CA ALA A 350 8.02 6.30 4.20
C ALA A 350 7.95 7.65 3.52
N GLN A 351 7.54 8.67 4.26
CA GLN A 351 7.61 10.04 3.76
C GLN A 351 8.94 10.63 4.17
N ILE A 352 9.68 11.16 3.20
CA ILE A 352 10.98 11.76 3.44
C ILE A 352 10.81 13.27 3.30
N LYS A 353 10.94 13.97 4.41
CA LYS A 353 10.83 15.42 4.42
C LYS A 353 11.92 15.98 5.34
N GLU A 354 12.04 17.30 5.36
CA GLU A 354 12.94 17.95 6.31
C GLU A 354 12.62 17.47 7.72
N ASN A 355 13.63 16.94 8.41
CA ASN A 355 13.41 16.36 9.74
C ASN A 355 14.36 16.91 10.78
N LEU A 356 15.04 18.02 10.50
CA LEU A 356 16.04 18.56 11.42
C LEU A 356 15.47 19.59 12.37
N TYR A 357 14.44 20.34 11.97
CA TYR A 357 13.91 21.41 12.81
C TYR A 357 13.06 20.85 13.94
N PHE A 358 12.05 20.06 13.62
CA PHE A 358 11.17 19.48 14.63
C PHE A 358 11.84 18.30 15.31
N ASN B 2 -21.22 8.29 34.76
CA ASN B 2 -20.67 6.98 35.13
C ASN B 2 -19.17 6.96 34.92
N GLN B 3 -18.68 7.82 34.03
CA GLN B 3 -17.26 7.90 33.72
C GLN B 3 -16.75 9.32 33.91
N SER B 4 -15.54 9.44 34.45
CA SER B 4 -14.84 10.71 34.46
C SER B 4 -14.48 11.12 33.03
N ALA B 5 -14.10 12.39 32.85
CA ALA B 5 -13.68 12.84 31.53
C ALA B 5 -12.45 12.07 31.05
N SER B 6 -11.46 11.87 31.93
CA SER B 6 -10.27 11.13 31.54
C SER B 6 -10.61 9.68 31.18
N GLU B 7 -11.57 9.08 31.89
CA GLU B 7 -12.00 7.73 31.54
C GLU B 7 -12.66 7.71 30.17
N GLN B 8 -13.52 8.69 29.87
CA GLN B 8 -14.12 8.77 28.54
C GLN B 8 -13.05 8.97 27.46
N LEU B 9 -12.02 9.78 27.74
CA LEU B 9 -11.01 10.05 26.73
C LEU B 9 -10.22 8.79 26.36
N GLN B 10 -10.13 7.83 27.28
CA GLN B 10 -9.49 6.56 27.00
C GLN B 10 -10.11 5.89 25.77
N THR B 11 -11.41 6.10 25.58
CA THR B 11 -12.12 5.61 24.40
C THR B 11 -12.15 6.63 23.28
N ASP B 12 -12.41 7.90 23.60
CA ASP B 12 -12.66 8.89 22.55
C ASP B 12 -11.41 9.21 21.74
N ILE B 13 -10.23 9.20 22.37
CA ILE B 13 -9.02 9.57 21.65
C ILE B 13 -8.69 8.50 20.61
N PRO B 14 -8.53 7.22 20.95
CA PRO B 14 -8.28 6.24 19.87
C PRO B 14 -9.44 6.12 18.90
N ALA B 15 -10.67 6.38 19.33
CA ALA B 15 -11.79 6.38 18.39
C ALA B 15 -11.57 7.41 17.30
N SER B 16 -11.06 8.59 17.65
CA SER B 16 -10.83 9.63 16.65
C SER B 16 -9.63 9.27 15.77
N ILE B 17 -8.56 8.74 16.35
CA ILE B 17 -7.42 8.32 15.56
C ILE B 17 -7.82 7.20 14.60
N SER B 18 -8.63 6.25 15.08
CA SER B 18 -9.12 5.19 14.21
C SER B 18 -9.88 5.75 13.01
N ALA B 19 -10.73 6.75 13.26
CA ALA B 19 -11.50 7.33 12.17
C ALA B 19 -10.60 8.01 11.14
N MET B 20 -9.53 8.66 11.60
CA MET B 20 -8.62 9.32 10.66
C MET B 20 -7.85 8.31 9.83
N VAL B 21 -7.37 7.22 10.46
CA VAL B 21 -6.66 6.18 9.74
C VAL B 21 -7.54 5.58 8.65
N LEU B 22 -8.83 5.39 8.96
N LEU B 22 -8.83 5.42 8.96
CA LEU B 22 -9.75 4.88 7.95
CA LEU B 22 -9.78 4.90 7.98
C LEU B 22 -9.81 5.79 6.73
C LEU B 22 -9.86 5.79 6.76
N LEU B 23 -9.87 7.11 6.96
CA LEU B 23 -9.89 8.04 5.83
C LEU B 23 -8.64 7.90 4.96
N ASN B 24 -7.47 7.73 5.59
CA ASN B 24 -6.26 7.54 4.81
C ASN B 24 -6.37 6.33 3.89
N SER B 25 -6.89 5.21 4.42
CA SER B 25 -7.01 4.01 3.60
C SER B 25 -8.05 4.19 2.51
N ALA B 26 -9.14 4.91 2.81
CA ALA B 26 -10.14 5.21 1.79
C ALA B 26 -9.56 6.06 0.67
N CYS B 27 -8.72 7.04 1.03
CA CYS B 27 -8.04 7.83 0.01
C CYS B 27 -7.20 6.95 -0.90
N GLN B 28 -6.44 6.02 -0.32
CA GLN B 28 -5.64 5.11 -1.14
C GLN B 28 -6.54 4.28 -2.06
N GLY B 29 -7.71 3.88 -1.58
CA GLY B 29 -8.64 3.14 -2.42
C GLY B 29 -9.09 3.92 -3.63
N VAL B 30 -9.25 5.24 -3.48
CA VAL B 30 -9.64 6.11 -4.60
C VAL B 30 -8.52 6.19 -5.62
N VAL B 31 -7.30 6.41 -5.15
CA VAL B 31 -6.13 6.47 -6.04
C VAL B 31 -6.00 5.18 -6.83
N GLU B 32 -6.27 4.04 -6.20
CA GLU B 32 -6.06 2.73 -6.80
C GLU B 32 -7.34 2.19 -7.42
N THR B 33 -8.15 3.08 -7.98
CA THR B 33 -9.29 2.75 -8.82
C THR B 33 -8.94 3.12 -10.25
N TYR B 34 -8.93 2.14 -11.15
CA TYR B 34 -8.48 2.34 -12.53
C TYR B 34 -9.57 1.92 -13.51
N ILE B 35 -9.69 2.69 -14.60
CA ILE B 35 -10.57 2.33 -15.72
C ILE B 35 -9.84 2.57 -17.03
N ASP B 36 -10.20 1.78 -18.04
CA ASP B 36 -9.73 1.98 -19.39
C ASP B 36 -10.93 2.04 -20.33
N GLN B 37 -10.78 2.79 -21.41
CA GLN B 37 -11.92 3.01 -22.30
C GLN B 37 -12.34 1.72 -23.01
N GLY B 38 -11.37 0.88 -23.38
CA GLY B 38 -11.69 -0.25 -24.23
C GLY B 38 -12.42 0.19 -25.49
N ASN B 39 -13.56 -0.45 -25.77
CA ASN B 39 -14.39 -0.08 -26.90
C ASN B 39 -15.62 0.71 -26.48
N ALA B 40 -15.59 1.36 -25.33
CA ALA B 40 -16.76 2.07 -24.83
C ALA B 40 -17.14 3.23 -25.73
N GLU B 41 -18.43 3.53 -25.78
CA GLU B 41 -18.91 4.68 -26.53
C GLU B 41 -18.52 5.97 -25.80
N HIS B 42 -18.94 7.10 -26.37
CA HIS B 42 -18.41 8.39 -25.93
C HIS B 42 -18.83 8.79 -24.52
N TRP B 43 -19.76 8.07 -23.89
CA TRP B 43 -20.06 8.32 -22.48
C TRP B 43 -18.83 8.19 -21.60
N TYR B 44 -17.83 7.42 -22.04
CA TYR B 44 -16.67 7.13 -21.20
C TYR B 44 -15.94 8.39 -20.80
N ALA B 45 -15.89 9.39 -21.68
CA ALA B 45 -15.16 10.61 -21.38
C ALA B 45 -15.72 11.30 -20.13
N GLN B 46 -17.04 11.31 -19.97
CA GLN B 46 -17.60 11.96 -18.80
C GLN B 46 -17.31 11.18 -17.52
N VAL B 47 -17.35 9.84 -17.59
CA VAL B 47 -17.02 9.04 -16.41
C VAL B 47 -15.56 9.25 -16.03
N GLU B 48 -14.67 9.27 -17.03
CA GLU B 48 -13.25 9.46 -16.74
C GLU B 48 -12.99 10.84 -16.12
N GLN B 49 -13.65 11.87 -16.62
N GLN B 49 -13.63 11.88 -16.66
CA GLN B 49 -13.44 13.21 -16.08
CA GLN B 49 -13.49 13.23 -16.11
C GLN B 49 -13.96 13.32 -14.66
C GLN B 49 -13.95 13.27 -14.67
N ASN B 50 -15.12 12.72 -14.38
CA ASN B 50 -15.67 12.76 -13.02
C ASN B 50 -14.82 11.97 -12.05
N LEU B 51 -14.33 10.80 -12.47
CA LEU B 51 -13.47 10.02 -11.58
C LEU B 51 -12.16 10.76 -11.32
N ASN B 52 -11.58 11.36 -12.36
CA ASN B 52 -10.35 12.12 -12.19
C ASN B 52 -10.52 13.29 -11.24
N ALA B 53 -11.71 13.91 -11.24
CA ALA B 53 -11.96 15.01 -10.32
C ALA B 53 -11.90 14.53 -8.88
N VAL B 54 -12.49 13.37 -8.59
CA VAL B 54 -12.39 12.79 -7.26
C VAL B 54 -10.94 12.49 -6.92
N GLN B 55 -10.20 11.90 -7.86
CA GLN B 55 -8.82 11.55 -7.58
C GLN B 55 -7.95 12.79 -7.39
N LYS B 56 -8.26 13.89 -8.10
CA LYS B 56 -7.53 15.13 -7.88
C LYS B 56 -7.70 15.64 -6.45
N LEU B 57 -8.92 15.57 -5.92
CA LEU B 57 -9.16 16.01 -4.55
C LEU B 57 -8.36 15.19 -3.55
N VAL B 58 -8.26 13.88 -3.78
CA VAL B 58 -7.48 13.02 -2.87
C VAL B 58 -6.00 13.35 -2.95
N ARG B 59 -5.48 13.56 -4.18
CA ARG B 59 -4.07 13.94 -4.31
C ARG B 59 -3.78 15.25 -3.62
N GLN B 60 -4.72 16.20 -3.69
CA GLN B 60 -4.50 17.49 -3.02
C GLN B 60 -4.52 17.35 -1.51
N TRP B 61 -5.41 16.49 -1.01
CA TRP B 61 -5.43 16.17 0.41
C TRP B 61 -4.09 15.60 0.86
N ARG B 62 -3.52 14.68 0.07
N ARG B 62 -3.55 14.66 0.09
CA ARG B 62 -2.20 14.13 0.41
CA ARG B 62 -2.22 14.12 0.35
C ARG B 62 -1.10 15.17 0.26
C ARG B 62 -1.17 15.22 0.29
N LEU B 63 -1.14 15.97 -0.82
CA LEU B 63 -0.11 16.98 -1.02
C LEU B 63 -0.10 18.01 0.08
N SER B 64 -1.27 18.30 0.66
CA SER B 64 -1.37 19.23 1.78
C SER B 64 -0.76 18.67 3.05
N GLY B 65 -0.30 17.42 3.04
CA GLY B 65 0.44 16.86 4.16
C GLY B 65 -0.33 15.88 5.01
N ASN B 66 -1.58 15.56 4.67
CA ASN B 66 -2.39 14.69 5.50
C ASN B 66 -2.00 13.24 5.27
N LEU B 67 -1.66 12.54 6.36
CA LEU B 67 -1.24 11.14 6.28
C LEU B 67 -2.25 10.33 7.08
N TYR B 68 -1.83 9.66 8.15
CA TYR B 68 -2.72 8.72 8.83
C TYR B 68 -3.59 9.36 9.89
N PHE B 69 -3.12 10.43 10.53
CA PHE B 69 -3.90 11.14 11.53
C PHE B 69 -3.35 12.55 11.67
N SER B 70 -4.10 13.41 12.34
CA SER B 70 -3.68 14.78 12.58
C SER B 70 -2.47 14.82 13.52
N ASN B 71 -1.34 15.35 13.04
CA ASN B 71 -0.18 15.47 13.91
C ASN B 71 -0.43 16.47 15.03
N ASP B 72 -1.15 17.56 14.73
CA ASP B 72 -1.39 18.59 15.74
C ASP B 72 -2.28 18.07 16.86
N ILE B 73 -3.30 17.28 16.52
CA ILE B 73 -4.16 16.72 17.56
C ILE B 73 -3.38 15.69 18.38
N MET B 74 -2.62 14.82 17.69
CA MET B 74 -1.84 13.81 18.40
C MET B 74 -0.79 14.46 19.32
N ASP B 75 -0.11 15.49 18.81
CA ASP B 75 0.88 16.18 19.64
C ASP B 75 0.25 16.85 20.86
N SER B 76 -0.98 17.35 20.72
CA SER B 76 -1.64 17.97 21.88
C SER B 76 -2.02 16.92 22.91
N VAL B 77 -2.50 15.77 22.46
CA VAL B 77 -2.78 14.67 23.37
C VAL B 77 -1.52 14.29 24.13
N LEU B 78 -0.40 14.14 23.41
CA LEU B 78 0.84 13.75 24.07
C LEU B 78 1.32 14.85 25.01
N SER B 79 1.10 16.11 24.67
CA SER B 79 1.47 17.21 25.55
C SER B 79 0.73 17.14 26.88
N ILE B 80 -0.57 16.85 26.84
CA ILE B 80 -1.33 16.70 28.09
C ILE B 80 -0.80 15.51 28.88
N ALA B 81 -0.61 14.38 28.20
CA ALA B 81 -0.14 13.17 28.87
C ALA B 81 1.22 13.37 29.51
N ASN B 82 2.13 14.07 28.81
CA ASN B 82 3.45 14.31 29.35
C ASN B 82 3.47 15.38 30.44
N THR B 83 2.48 16.28 30.45
CA THR B 83 2.36 17.20 31.56
C THR B 83 1.95 16.46 32.83
N PHE B 84 1.01 15.53 32.72
CA PHE B 84 0.70 14.64 33.84
C PHE B 84 1.95 13.89 34.31
N LYS B 85 2.66 13.28 33.36
CA LYS B 85 3.81 12.45 33.71
C LYS B 85 4.89 13.27 34.40
N ASP B 86 5.17 14.47 33.90
CA ASP B 86 6.28 15.27 34.42
C ASP B 86 5.98 15.94 35.75
N SER B 87 4.71 15.99 36.18
CA SER B 87 4.35 16.66 37.41
C SER B 87 3.83 15.72 38.49
N ASN B 88 3.80 14.42 38.22
CA ASN B 88 3.12 13.49 39.13
C ASN B 88 3.82 13.40 40.48
N VAL B 89 5.15 13.23 40.49
CA VAL B 89 5.87 13.10 41.75
C VAL B 89 5.69 14.36 42.59
N GLN B 90 5.82 15.52 41.96
CA GLN B 90 5.69 16.78 42.67
C GLN B 90 4.28 16.95 43.25
N ILE B 91 3.26 16.58 42.47
CA ILE B 91 1.88 16.74 42.92
C ILE B 91 1.57 15.80 44.08
N LEU B 92 2.02 14.53 43.98
CA LEU B 92 1.77 13.59 45.08
C LEU B 92 2.55 13.97 46.33
N THR B 93 3.75 14.53 46.18
CA THR B 93 4.50 14.96 47.35
C THR B 93 3.76 16.07 48.10
N LEU B 94 3.16 17.01 47.35
CA LEU B 94 2.42 18.10 47.98
C LEU B 94 1.17 17.59 48.67
N PHE B 95 0.42 16.71 48.00
CA PHE B 95 -0.76 16.11 48.63
C PHE B 95 -0.40 15.44 49.95
N LYS B 96 0.68 14.66 49.97
CA LYS B 96 1.07 13.96 51.19
C LYS B 96 1.52 14.95 52.27
N ALA B 97 2.26 15.99 51.87
CA ALA B 97 2.66 17.01 52.84
C ALA B 97 1.45 17.75 53.39
N LEU B 98 0.52 18.14 52.51
CA LEU B 98 -0.68 18.84 52.96
C LEU B 98 -1.56 17.93 53.81
N GLU B 99 -1.54 16.62 53.54
CA GLU B 99 -2.27 15.68 54.40
C GLU B 99 -1.69 15.66 55.81
N THR B 100 -0.37 15.75 55.92
CA THR B 100 0.26 15.78 57.24
C THR B 100 -0.03 17.10 57.95
N ARG B 101 0.25 18.22 57.28
CA ARG B 101 0.08 19.53 57.89
C ARG B 101 -0.33 20.53 56.82
N PHE B 102 -1.45 21.21 57.05
CA PHE B 102 -1.93 22.21 56.12
C PHE B 102 -1.07 23.47 56.17
N ASP B 103 -0.74 24.01 55.00
CA ASP B 103 -0.17 25.35 54.94
C ASP B 103 -0.43 25.93 53.56
N THR B 104 -0.74 27.23 53.53
CA THR B 104 -1.20 27.87 52.31
C THR B 104 -0.14 27.89 51.22
N ALA B 105 1.14 27.92 51.59
CA ALA B 105 2.19 28.01 50.59
C ALA B 105 2.23 26.76 49.71
N GLN B 106 2.24 25.59 50.34
CA GLN B 106 2.26 24.35 49.55
C GLN B 106 0.95 24.14 48.81
N LEU B 107 -0.17 24.57 49.40
CA LEU B 107 -1.45 24.50 48.68
C LEU B 107 -1.42 25.37 47.43
N GLN B 108 -0.80 26.54 47.52
CA GLN B 108 -0.66 27.40 46.35
C GLN B 108 0.22 26.74 45.29
N GLN B 109 1.25 26.02 45.72
CA GLN B 109 2.12 25.32 44.79
C GLN B 109 1.39 24.16 44.12
N LEU B 110 0.55 23.45 44.88
CA LEU B 110 -0.24 22.36 44.31
C LEU B 110 -1.23 22.90 43.28
N THR B 111 -1.93 23.98 43.63
CA THR B 111 -2.88 24.58 42.70
C THR B 111 -2.22 25.03 41.41
N SER B 112 -1.00 25.58 41.51
CA SER B 112 -0.28 26.01 40.33
C SER B 112 0.10 24.82 39.43
N LEU B 113 0.41 23.67 40.02
CA LEU B 113 0.76 22.51 39.23
C LEU B 113 -0.45 21.97 38.49
N ILE B 114 -1.61 21.93 39.16
CA ILE B 114 -2.84 21.52 38.48
C ILE B 114 -3.16 22.48 37.34
N LEU B 115 -2.87 23.78 37.55
CA LEU B 115 -3.17 24.77 36.51
C LEU B 115 -2.34 24.57 35.26
N THR B 116 -1.15 23.96 35.37
CA THR B 116 -0.36 23.77 34.17
C THR B 116 -1.00 22.82 33.17
N LEU B 117 -2.09 22.14 33.55
CA LEU B 117 -2.80 21.28 32.61
C LEU B 117 -3.69 22.06 31.65
N GLN B 118 -4.07 23.29 32.00
CA GLN B 118 -5.13 23.96 31.26
C GLN B 118 -4.66 24.43 29.88
N ASN B 119 -3.43 24.93 29.77
CA ASN B 119 -2.93 25.34 28.47
C ASN B 119 -2.85 24.18 27.48
N PRO B 120 -2.26 23.02 27.81
CA PRO B 120 -2.28 21.89 26.85
C PRO B 120 -3.69 21.41 26.52
N ILE B 121 -4.62 21.48 27.46
CA ILE B 121 -6.00 21.08 27.17
C ILE B 121 -6.62 22.05 26.18
N GLN B 122 -6.47 23.36 26.40
CA GLN B 122 -7.02 24.34 25.47
C GLN B 122 -6.39 24.21 24.09
N SER B 123 -5.09 23.87 24.05
CA SER B 123 -4.42 23.62 22.78
C SER B 123 -5.05 22.46 22.04
N LEU B 124 -5.44 21.40 22.77
CA LEU B 124 -6.11 20.29 22.11
C LEU B 124 -7.44 20.73 21.50
N THR B 125 -8.22 21.52 22.24
CA THR B 125 -9.48 22.03 21.71
C THR B 125 -9.27 22.86 20.45
N SER B 126 -8.29 23.75 20.46
N SER B 126 -8.28 23.75 20.46
CA SER B 126 -8.01 24.58 19.30
CA SER B 126 -8.03 24.59 19.30
C SER B 126 -7.63 23.75 18.10
C SER B 126 -7.61 23.76 18.09
N ASN B 127 -6.79 22.73 18.30
CA ASN B 127 -6.33 21.91 17.19
C ASN B 127 -7.42 21.00 16.65
N ILE B 128 -8.35 20.58 17.49
CA ILE B 128 -9.49 19.80 16.99
C ILE B 128 -10.36 20.67 16.10
N LYS B 129 -10.68 21.89 16.56
CA LYS B 129 -11.50 22.80 15.77
C LYS B 129 -10.84 23.11 14.44
N ARG B 130 -9.55 23.43 14.47
CA ARG B 130 -8.83 23.80 13.25
C ARG B 130 -8.82 22.62 12.27
N TYR B 131 -8.57 21.41 12.77
CA TYR B 131 -8.55 20.25 11.89
C TYR B 131 -9.94 19.98 11.31
N ASP B 132 -10.98 20.04 12.15
CA ASP B 132 -12.31 19.69 11.67
C ASP B 132 -12.82 20.69 10.63
N GLU B 133 -12.45 21.97 10.77
CA GLU B 133 -12.85 22.95 9.76
C GLU B 133 -12.21 22.66 8.42
N GLY B 134 -10.92 22.35 8.40
CA GLY B 134 -10.26 22.02 7.14
C GLY B 134 -10.78 20.73 6.55
N LEU B 135 -11.07 19.75 7.40
CA LEU B 135 -11.62 18.48 6.93
C LEU B 135 -12.99 18.69 6.28
N ASN B 136 -13.86 19.45 6.94
CA ASN B 136 -15.21 19.65 6.41
C ASN B 136 -15.18 20.41 5.09
N ALA B 137 -14.31 21.41 4.96
CA ALA B 137 -14.20 22.14 3.70
C ALA B 137 -13.83 21.21 2.56
N TRP B 138 -12.88 20.31 2.80
CA TRP B 138 -12.49 19.35 1.78
C TRP B 138 -13.61 18.32 1.54
N ALA B 139 -14.21 17.83 2.63
CA ALA B 139 -15.22 16.79 2.52
C ALA B 139 -16.41 17.25 1.68
N ARG B 140 -16.77 18.53 1.78
CA ARG B 140 -17.88 19.04 0.98
C ARG B 140 -17.55 18.95 -0.51
N GLN B 141 -16.29 19.19 -0.87
CA GLN B 141 -15.89 19.08 -2.27
C GLN B 141 -15.94 17.63 -2.74
N VAL B 142 -15.49 16.70 -1.89
CA VAL B 142 -15.52 15.29 -2.25
C VAL B 142 -16.96 14.81 -2.41
N GLU B 143 -17.84 15.25 -1.51
CA GLU B 143 -19.25 14.89 -1.61
C GLU B 143 -19.86 15.39 -2.92
N ASP B 144 -19.56 16.64 -3.31
CA ASP B 144 -20.04 17.15 -4.59
C ASP B 144 -19.50 16.33 -5.75
N ALA B 145 -18.21 15.97 -5.69
CA ALA B 145 -17.62 15.16 -6.76
C ALA B 145 -18.24 13.76 -6.81
N HIS B 146 -18.54 13.19 -5.65
CA HIS B 146 -19.22 11.90 -5.61
C HIS B 146 -20.59 11.99 -6.27
N ASN B 147 -21.36 13.02 -5.92
CA ASN B 147 -22.72 13.16 -6.47
C ASN B 147 -22.70 13.32 -7.98
N THR B 148 -21.72 14.05 -8.50
CA THR B 148 -21.63 14.26 -9.95
C THR B 148 -21.32 12.95 -10.67
N LEU B 149 -20.35 12.18 -10.16
CA LEU B 149 -20.03 10.89 -10.76
C LEU B 149 -21.22 9.95 -10.66
N GLN B 150 -21.91 9.95 -9.52
CA GLN B 150 -23.09 9.10 -9.35
C GLN B 150 -24.18 9.46 -10.35
N GLN B 151 -24.42 10.75 -10.56
CA GLN B 151 -25.46 11.17 -11.50
C GLN B 151 -25.07 10.83 -12.93
N THR B 152 -23.80 11.04 -13.29
CA THR B 152 -23.33 10.68 -14.62
C THR B 152 -23.55 9.20 -14.91
N ILE B 153 -23.21 8.33 -13.96
CA ILE B 153 -23.37 6.89 -14.14
C ILE B 153 -24.85 6.53 -14.22
N ALA B 154 -25.68 7.11 -13.35
CA ALA B 154 -27.10 6.81 -13.37
C ALA B 154 -27.74 7.16 -14.71
N GLN B 155 -27.28 8.26 -15.34
CA GLN B 155 -27.82 8.63 -16.64
C GLN B 155 -27.42 7.61 -17.70
N ILE B 156 -26.17 7.15 -17.64
CA ILE B 156 -25.68 6.17 -18.62
C ILE B 156 -26.45 4.86 -18.48
N GLN B 157 -26.61 4.37 -17.25
CA GLN B 157 -27.26 3.08 -17.06
C GLN B 157 -28.75 3.15 -17.36
N GLN B 158 -29.38 4.32 -17.16
CA GLN B 158 -30.80 4.44 -17.49
C GLN B 158 -31.05 4.30 -18.99
N GLU B 159 -30.08 4.64 -19.82
CA GLU B 159 -30.28 4.54 -21.27
C GLU B 159 -30.08 3.12 -21.79
N GLU B 160 -29.47 2.22 -21.01
CA GLU B 160 -29.25 0.84 -21.44
C GLU B 160 -30.49 0.01 -21.12
N VAL B 161 -31.55 0.23 -21.91
CA VAL B 161 -32.84 -0.34 -21.57
C VAL B 161 -32.82 -1.87 -21.68
N SER B 162 -31.99 -2.42 -22.56
CA SER B 162 -32.04 -3.85 -22.84
C SER B 162 -31.41 -4.70 -21.74
N ILE B 163 -30.63 -4.12 -20.84
CA ILE B 163 -29.93 -4.89 -19.82
C ILE B 163 -30.27 -4.36 -18.43
N GLN B 164 -31.47 -3.81 -18.25
CA GLN B 164 -31.83 -3.22 -16.96
C GLN B 164 -31.80 -4.25 -15.84
N ALA B 165 -32.27 -5.48 -16.11
CA ALA B 165 -32.29 -6.49 -15.05
C ALA B 165 -30.87 -6.77 -14.54
N GLU B 166 -29.90 -6.86 -15.45
CA GLU B 166 -28.52 -7.17 -15.06
C GLU B 166 -27.88 -6.00 -14.32
N ILE B 167 -28.20 -4.76 -14.73
CA ILE B 167 -27.69 -3.59 -14.02
C ILE B 167 -28.25 -3.54 -12.61
N ILE B 168 -29.55 -3.79 -12.46
CA ILE B 168 -30.17 -3.76 -11.13
C ILE B 168 -29.55 -4.83 -10.23
N ALA B 169 -29.34 -6.04 -10.76
CA ALA B 169 -28.75 -7.10 -9.96
C ALA B 169 -27.32 -6.77 -9.56
N THR B 170 -26.57 -6.15 -10.48
CA THR B 170 -25.20 -5.74 -10.16
C THR B 170 -25.19 -4.67 -9.08
N ASN B 171 -26.06 -3.66 -9.21
CA ASN B 171 -26.13 -2.59 -8.21
C ASN B 171 -26.56 -3.11 -6.85
N ALA B 172 -27.39 -4.16 -6.81
CA ALA B 172 -27.74 -4.75 -5.52
C ALA B 172 -26.52 -5.39 -4.87
N GLN B 173 -25.64 -6.01 -5.66
CA GLN B 173 -24.44 -6.61 -5.10
C GLN B 173 -23.45 -5.56 -4.63
N ILE B 174 -23.38 -4.42 -5.33
CA ILE B 174 -22.49 -3.34 -4.88
C ILE B 174 -23.02 -2.74 -3.59
N ASP B 175 -24.34 -2.66 -3.44
CA ASP B 175 -24.92 -2.25 -2.16
C ASP B 175 -24.57 -3.25 -1.06
N LEU B 176 -24.60 -4.55 -1.39
CA LEU B 176 -24.22 -5.55 -0.40
C LEU B 176 -22.76 -5.39 0.01
N MET B 177 -21.89 -5.08 -0.95
CA MET B 177 -20.48 -4.84 -0.63
C MET B 177 -20.34 -3.70 0.36
N LYS B 178 -21.11 -2.63 0.17
N LYS B 178 -21.10 -2.62 0.17
CA LYS B 178 -21.06 -1.51 1.10
CA LYS B 178 -21.06 -1.52 1.11
C LYS B 178 -21.51 -1.95 2.50
C LYS B 178 -21.49 -1.96 2.50
N GLN B 179 -22.52 -2.82 2.57
CA GLN B 179 -22.96 -3.35 3.86
C GLN B 179 -21.89 -4.22 4.49
N GLN B 180 -21.20 -5.02 3.67
CA GLN B 180 -20.15 -5.89 4.16
C GLN B 180 -18.97 -5.08 4.70
N ILE B 181 -18.61 -3.99 4.01
CA ILE B 181 -17.57 -3.10 4.49
C ILE B 181 -17.99 -2.47 5.82
N ALA B 182 -19.25 -2.03 5.92
CA ALA B 182 -19.71 -1.43 7.16
C ALA B 182 -19.68 -2.45 8.30
N ALA B 183 -20.01 -3.71 7.99
CA ALA B 183 -19.97 -4.75 9.02
C ALA B 183 -18.55 -4.96 9.53
N PHE B 184 -17.56 -4.89 8.64
CA PHE B 184 -16.17 -4.96 9.07
C PHE B 184 -15.82 -3.85 10.05
N LYS B 185 -16.15 -2.60 9.69
CA LYS B 185 -15.84 -1.48 10.56
C LYS B 185 -16.51 -1.62 11.92
N THR B 186 -17.74 -2.12 11.94
CA THR B 186 -18.42 -2.33 13.22
C THR B 186 -17.75 -3.43 14.02
N ALA B 187 -17.34 -4.52 13.37
CA ALA B 187 -16.64 -5.58 14.08
C ALA B 187 -15.34 -5.08 14.68
N ILE B 188 -14.59 -4.28 13.94
CA ILE B 188 -13.34 -3.71 14.43
C ILE B 188 -13.59 -2.82 15.63
N ALA B 189 -14.57 -1.93 15.52
CA ALA B 189 -14.85 -0.99 16.60
C ALA B 189 -15.19 -1.73 17.89
N ASN B 190 -15.89 -2.87 17.77
CA ASN B 190 -16.27 -3.62 18.96
C ASN B 190 -15.10 -4.29 19.64
N ALA B 191 -14.01 -4.59 18.91
CA ALA B 191 -12.88 -5.32 19.46
C ALA B 191 -11.64 -4.44 19.63
N GLN B 192 -11.80 -3.11 19.61
CA GLN B 192 -10.64 -2.24 19.67
C GLN B 192 -9.99 -2.25 21.04
N SER B 193 -10.79 -2.17 22.10
CA SER B 193 -10.24 -2.09 23.45
C SER B 193 -9.56 -3.38 23.89
N GLN B 194 -9.66 -4.46 23.10
CA GLN B 194 -9.20 -5.77 23.52
C GLN B 194 -7.84 -6.16 22.98
N ARG B 195 -7.31 -5.44 21.99
CA ARG B 195 -6.16 -5.87 21.22
C ARG B 195 -5.06 -4.80 21.24
N LYS B 196 -3.86 -5.20 20.84
CA LYS B 196 -2.71 -4.31 20.78
C LYS B 196 -2.85 -3.36 19.59
N LYS B 197 -2.17 -2.21 19.70
CA LYS B 197 -2.39 -1.10 18.79
C LYS B 197 -1.33 -1.04 17.70
N GLY B 198 -1.74 -0.49 16.57
CA GLY B 198 -0.86 -0.29 15.43
C GLY B 198 -1.60 0.45 14.34
N ILE B 199 -1.05 0.44 13.13
CA ILE B 199 -1.74 1.00 11.96
C ILE B 199 -1.72 -0.05 10.87
N PHE B 200 -2.90 -0.55 10.51
CA PHE B 200 -3.04 -1.65 9.56
C PHE B 200 -4.02 -1.23 8.48
N GLU B 201 -3.64 -1.40 7.22
CA GLU B 201 -4.48 -0.98 6.12
C GLU B 201 -4.57 -2.08 5.07
N THR B 202 -5.74 -2.23 4.46
CA THR B 202 -5.94 -3.18 3.38
C THR B 202 -6.65 -2.46 2.26
N ILE B 203 -6.02 -2.43 1.08
CA ILE B 203 -6.59 -1.79 -0.10
C ILE B 203 -7.11 -2.90 -1.01
N PHE B 204 -8.41 -2.89 -1.28
CA PHE B 204 -9.02 -3.89 -2.14
C PHE B 204 -9.09 -3.40 -3.58
N GLY B 205 -8.97 -4.34 -4.51
CA GLY B 205 -9.20 -4.04 -5.92
C GLY B 205 -10.13 -5.09 -6.51
N VAL B 206 -11.29 -4.67 -6.99
CA VAL B 206 -12.31 -5.58 -7.51
C VAL B 206 -12.26 -5.55 -9.02
N VAL B 207 -12.04 -6.72 -9.62
CA VAL B 207 -11.84 -6.84 -11.06
C VAL B 207 -13.20 -7.02 -11.74
N LEU B 208 -13.54 -6.11 -12.65
CA LEU B 208 -14.83 -6.13 -13.35
C LEU B 208 -14.62 -5.92 -14.84
N ALA B 209 -15.56 -6.44 -15.63
CA ALA B 209 -15.43 -6.50 -17.09
C ALA B 209 -14.11 -7.11 -17.55
N PRO B 210 -13.82 -8.36 -17.18
CA PRO B 210 -12.49 -8.93 -17.42
C PRO B 210 -12.27 -9.37 -18.87
N PHE B 211 -10.99 -9.40 -19.24
CA PHE B 211 -10.55 -10.07 -20.45
C PHE B 211 -10.28 -11.54 -20.15
N THR B 212 -10.46 -12.38 -21.16
CA THR B 212 -10.30 -13.82 -20.97
C THR B 212 -8.88 -14.17 -20.54
N LEU B 213 -7.88 -13.55 -21.16
CA LEU B 213 -6.49 -13.89 -20.94
C LEU B 213 -5.87 -13.15 -19.76
N GLY B 214 -6.64 -12.33 -19.07
CA GLY B 214 -6.14 -11.62 -17.90
C GLY B 214 -6.41 -10.14 -18.04
N GLY B 215 -6.53 -9.47 -16.90
CA GLY B 215 -6.80 -8.05 -16.89
C GLY B 215 -8.28 -7.76 -17.05
N SER B 216 -8.60 -6.47 -17.07
CA SER B 216 -9.99 -6.05 -17.11
C SER B 216 -10.07 -4.61 -17.57
N LEU B 217 -11.29 -4.14 -17.79
CA LEU B 217 -11.54 -2.74 -18.10
C LEU B 217 -11.76 -1.88 -16.86
N ILE B 218 -12.06 -2.51 -15.72
CA ILE B 218 -12.36 -1.80 -14.47
C ILE B 218 -11.60 -2.50 -13.34
N LEU B 219 -10.90 -1.71 -12.53
CA LEU B 219 -10.33 -2.17 -11.27
C LEU B 219 -10.88 -1.21 -10.22
N ALA B 220 -11.90 -1.64 -9.49
CA ALA B 220 -12.61 -0.77 -8.56
C ALA B 220 -11.99 -0.93 -7.18
N GLY B 221 -11.41 0.16 -6.66
CA GLY B 221 -10.72 0.11 -5.38
C GLY B 221 -11.61 0.54 -4.23
N PHE B 222 -11.22 0.10 -3.03
CA PHE B 222 -11.67 0.74 -1.80
C PHE B 222 -10.68 0.35 -0.71
N GLY B 223 -10.60 1.18 0.32
CA GLY B 223 -9.65 0.98 1.39
C GLY B 223 -10.33 0.93 2.74
N VAL B 224 -9.85 0.03 3.60
CA VAL B 224 -10.26 -0.04 4.99
C VAL B 224 -9.00 -0.13 5.85
N SER B 225 -9.17 0.02 7.15
CA SER B 225 -8.02 -0.01 8.04
C SER B 225 -8.47 -0.28 9.46
N SER B 226 -7.50 -0.45 10.35
N SER B 226 -7.49 -0.42 10.35
CA SER B 226 -7.77 -0.61 11.77
CA SER B 226 -7.74 -0.68 11.77
C SER B 226 -6.54 -0.18 12.54
C SER B 226 -6.53 -0.22 12.55
N ILE B 227 -6.75 0.17 13.80
CA ILE B 227 -5.64 0.49 14.70
C ILE B 227 -5.33 -0.68 15.63
N VAL B 228 -5.92 -1.85 15.38
CA VAL B 228 -5.61 -3.09 16.09
C VAL B 228 -5.48 -4.20 15.07
N GLU B 229 -4.66 -5.20 15.39
CA GLU B 229 -4.56 -6.39 14.57
C GLU B 229 -5.94 -6.98 14.35
N ALA B 230 -6.22 -7.38 13.12
CA ALA B 230 -7.59 -7.76 12.78
C ALA B 230 -7.59 -8.75 11.63
N GLN B 231 -6.70 -9.74 11.69
CA GLN B 231 -6.58 -10.67 10.58
C GLN B 231 -7.87 -11.45 10.36
N SER B 232 -8.54 -11.85 11.44
CA SER B 232 -9.77 -12.62 11.27
C SER B 232 -10.86 -11.78 10.61
N GLU B 233 -11.01 -10.52 11.05
CA GLU B 233 -12.06 -9.67 10.50
C GLU B 233 -11.79 -9.30 9.05
N ILE B 234 -10.52 -9.05 8.70
CA ILE B 234 -10.23 -8.68 7.33
C ILE B 234 -10.37 -9.88 6.39
N SER B 235 -10.10 -11.10 6.90
CA SER B 235 -10.33 -12.28 6.09
C SER B 235 -11.81 -12.50 5.82
N SER B 236 -12.66 -12.29 6.84
CA SER B 236 -14.09 -12.40 6.64
C SER B 236 -14.59 -11.38 5.63
N LEU B 237 -14.07 -10.15 5.70
CA LEU B 237 -14.44 -9.14 4.71
C LEU B 237 -14.04 -9.58 3.31
N GLN B 238 -12.82 -10.10 3.15
CA GLN B 238 -12.39 -10.53 1.83
C GLN B 238 -13.30 -11.65 1.31
N SER B 239 -13.64 -12.61 2.17
CA SER B 239 -14.58 -13.66 1.79
C SER B 239 -15.93 -13.08 1.39
N ASP B 240 -16.41 -12.08 2.13
CA ASP B 240 -17.68 -11.45 1.79
C ASP B 240 -17.64 -10.79 0.42
N ILE B 241 -16.61 -9.96 0.17
CA ILE B 241 -16.50 -9.26 -1.11
C ILE B 241 -16.33 -10.27 -2.25
N GLN B 242 -15.56 -11.33 -2.01
CA GLN B 242 -15.39 -12.38 -3.01
C GLN B 242 -16.75 -13.00 -3.37
N SER B 243 -17.57 -13.28 -2.36
CA SER B 243 -18.88 -13.85 -2.60
C SER B 243 -19.75 -12.91 -3.43
N SER B 244 -19.74 -11.62 -3.11
CA SER B 244 -20.53 -10.67 -3.86
C SER B 244 -20.05 -10.55 -5.29
N LEU B 245 -18.72 -10.56 -5.51
CA LEU B 245 -18.22 -10.50 -6.86
C LEU B 245 -18.58 -11.75 -7.65
N ASN B 246 -18.50 -12.92 -7.01
CA ASN B 246 -18.94 -14.14 -7.68
C ASN B 246 -20.39 -14.02 -8.14
N THR B 247 -21.24 -13.41 -7.32
CA THR B 247 -22.64 -13.22 -7.69
C THR B 247 -22.78 -12.24 -8.84
N ILE B 248 -21.99 -11.17 -8.84
CA ILE B 248 -21.99 -10.25 -9.98
C ILE B 248 -21.63 -11.00 -11.27
N ASN B 249 -20.60 -11.85 -11.21
N ASN B 249 -20.59 -11.84 -11.20
CA ASN B 249 -20.20 -12.59 -12.41
CA ASN B 249 -20.18 -12.61 -12.37
C ASN B 249 -21.30 -13.51 -12.88
C ASN B 249 -21.32 -13.49 -12.87
N HIS B 250 -22.04 -14.12 -11.95
CA HIS B 250 -23.18 -14.95 -12.32
C HIS B 250 -24.30 -14.11 -12.92
N ASP B 251 -24.61 -12.97 -12.30
CA ASP B 251 -25.68 -12.10 -12.79
C ASP B 251 -25.34 -11.46 -14.13
N GLN B 252 -24.06 -11.33 -14.47
CA GLN B 252 -23.64 -10.74 -15.73
C GLN B 252 -23.29 -11.77 -16.80
N GLN B 253 -23.66 -13.04 -16.60
CA GLN B 253 -23.20 -14.07 -17.52
C GLN B 253 -23.78 -13.86 -18.92
N THR B 254 -24.95 -13.20 -19.04
CA THR B 254 -25.56 -12.94 -20.33
C THR B 254 -25.03 -11.67 -21.00
N LEU B 255 -24.07 -10.97 -20.39
CA LEU B 255 -23.61 -9.69 -20.89
C LEU B 255 -22.27 -9.82 -21.62
N SER B 256 -22.13 -9.10 -22.72
CA SER B 256 -20.81 -8.96 -23.34
C SER B 256 -19.91 -8.15 -22.41
N GLN B 257 -18.61 -8.20 -22.69
CA GLN B 257 -17.67 -7.39 -21.90
C GLN B 257 -17.98 -5.90 -21.99
N ASP B 258 -18.42 -5.43 -23.16
CA ASP B 258 -18.83 -4.03 -23.30
C ASP B 258 -20.05 -3.72 -22.45
N GLN B 259 -21.01 -4.66 -22.37
CA GLN B 259 -22.16 -4.45 -21.49
C GLN B 259 -21.77 -4.56 -20.02
N GLN B 260 -20.85 -5.48 -19.68
CA GLN B 260 -20.37 -5.57 -18.30
C GLN B 260 -19.73 -4.26 -17.86
N GLN B 261 -19.02 -3.60 -18.77
CA GLN B 261 -18.39 -2.33 -18.44
C GLN B 261 -19.42 -1.30 -18.01
N ILE B 262 -20.55 -1.21 -18.72
CA ILE B 262 -21.60 -0.29 -18.32
C ILE B 262 -22.28 -0.77 -17.05
N ALA B 263 -22.59 -2.07 -16.97
CA ALA B 263 -23.35 -2.59 -15.86
C ALA B 263 -22.60 -2.50 -14.52
N SER B 264 -21.27 -2.35 -14.56
CA SER B 264 -20.44 -2.38 -13.37
C SER B 264 -19.98 -1.00 -12.91
N LEU B 265 -20.47 0.08 -13.54
CA LEU B 265 -19.89 1.41 -13.31
C LEU B 265 -20.04 1.87 -11.87
N ASN B 266 -21.12 1.51 -11.18
CA ASN B 266 -21.27 2.01 -9.81
C ASN B 266 -20.25 1.43 -8.84
N ALA B 267 -19.49 0.41 -9.24
CA ALA B 267 -18.37 -0.01 -8.42
C ALA B 267 -17.32 1.09 -8.28
N LEU B 268 -17.29 2.03 -9.23
CA LEU B 268 -16.39 3.17 -9.11
C LEU B 268 -16.74 4.06 -7.93
N LEU B 269 -17.98 3.99 -7.44
CA LEU B 269 -18.39 4.77 -6.28
C LEU B 269 -17.98 4.13 -4.96
N LEU B 270 -17.56 2.86 -4.95
CA LEU B 270 -17.17 2.23 -3.69
C LEU B 270 -16.06 3.01 -3.00
N SER B 271 -15.05 3.42 -3.76
CA SER B 271 -13.90 4.09 -3.17
C SER B 271 -14.30 5.44 -2.56
N VAL B 272 -14.99 6.27 -3.34
CA VAL B 272 -15.31 7.62 -2.86
C VAL B 272 -16.40 7.57 -1.81
N ASP B 273 -17.32 6.60 -1.89
CA ASP B 273 -18.30 6.42 -0.83
C ASP B 273 -17.61 6.17 0.51
N GLN B 274 -16.51 5.42 0.51
CA GLN B 274 -15.78 5.21 1.76
C GLN B 274 -15.18 6.52 2.28
N VAL B 275 -14.69 7.36 1.36
CA VAL B 275 -14.16 8.66 1.77
C VAL B 275 -15.25 9.50 2.40
N ASN B 276 -16.43 9.55 1.77
CA ASN B 276 -17.54 10.31 2.33
C ASN B 276 -17.91 9.80 3.71
N ASN B 277 -18.04 8.48 3.86
CA ASN B 277 -18.46 7.94 5.14
C ASN B 277 -17.40 8.15 6.20
N ASP B 278 -16.13 8.03 5.82
CA ASP B 278 -15.06 8.20 6.80
C ASP B 278 -14.91 9.66 7.23
N CYS B 279 -15.10 10.62 6.31
CA CYS B 279 -15.07 12.02 6.71
C CYS B 279 -16.16 12.31 7.74
N ALA B 280 -17.37 11.82 7.49
CA ALA B 280 -18.45 12.04 8.44
C ALA B 280 -18.16 11.38 9.79
N ALA B 281 -17.55 10.19 9.76
CA ALA B 281 -17.22 9.50 10.99
C ALA B 281 -16.17 10.27 11.80
N ILE B 282 -15.16 10.82 11.11
CA ILE B 282 -14.18 11.64 11.82
C ILE B 282 -14.88 12.80 12.52
N SER B 283 -15.72 13.53 11.79
CA SER B 283 -16.35 14.71 12.37
C SER B 283 -17.26 14.36 13.56
N ARG B 284 -18.00 13.25 13.46
CA ARG B 284 -18.77 12.78 14.62
C ARG B 284 -17.86 12.48 15.80
N SER B 285 -16.73 11.80 15.54
CA SER B 285 -15.82 11.45 16.62
C SER B 285 -15.17 12.69 17.23
N LEU B 286 -14.92 13.72 16.42
CA LEU B 286 -14.32 14.93 16.97
C LEU B 286 -15.33 15.79 17.72
N ASP B 287 -16.60 15.74 17.33
CA ASP B 287 -17.64 16.36 18.15
C ASP B 287 -17.68 15.73 19.53
N THR B 288 -17.65 14.40 19.58
CA THR B 288 -17.61 13.68 20.85
C THR B 288 -16.34 14.04 21.63
N LEU B 289 -15.20 14.01 20.95
CA LEU B 289 -13.93 14.28 21.62
C LEU B 289 -13.90 15.70 22.19
N GLN B 290 -14.38 16.68 21.42
CA GLN B 290 -14.43 18.06 21.89
C GLN B 290 -15.26 18.20 23.15
N THR B 291 -16.43 17.55 23.20
CA THR B 291 -17.26 17.61 24.40
C THR B 291 -16.52 17.06 25.61
N THR B 292 -15.81 15.94 25.41
CA THR B 292 -15.09 15.33 26.52
C THR B 292 -13.90 16.16 26.95
N VAL B 293 -13.18 16.76 26.00
CA VAL B 293 -12.04 17.61 26.36
C VAL B 293 -12.52 18.81 27.17
N LEU B 294 -13.63 19.42 26.76
CA LEU B 294 -14.20 20.51 27.53
C LEU B 294 -14.59 20.06 28.93
N SER B 295 -15.15 18.85 29.03
CA SER B 295 -15.48 18.30 30.35
C SER B 295 -14.24 18.17 31.21
N LEU B 296 -13.11 17.74 30.62
CA LEU B 296 -11.87 17.68 31.38
C LEU B 296 -11.41 19.07 31.80
N TYR B 297 -11.50 20.05 30.89
CA TYR B 297 -11.17 21.41 31.26
C TYR B 297 -12.00 21.87 32.46
N ASN B 298 -13.31 21.61 32.43
CA ASN B 298 -14.18 22.03 33.53
C ASN B 298 -13.82 21.30 34.82
N GLU B 299 -13.42 20.03 34.73
CA GLU B 299 -12.99 19.30 35.92
C GLU B 299 -11.79 19.98 36.56
N THR B 300 -10.79 20.34 35.76
CA THR B 300 -9.62 21.01 36.32
C THR B 300 -10.00 22.34 36.95
N ASN B 301 -10.96 23.06 36.36
CA ASN B 301 -11.44 24.30 36.97
C ASN B 301 -12.10 24.04 38.32
N ASN B 302 -12.88 22.96 38.42
CA ASN B 302 -13.54 22.65 39.68
C ASN B 302 -12.53 22.23 40.75
N VAL B 303 -11.51 21.46 40.36
CA VAL B 303 -10.48 21.05 41.31
C VAL B 303 -9.70 22.25 41.81
N VAL B 304 -9.31 23.14 40.89
CA VAL B 304 -8.59 24.34 41.28
C VAL B 304 -9.45 25.20 42.19
N SER B 305 -10.74 25.31 41.89
CA SER B 305 -11.64 26.08 42.74
C SER B 305 -11.75 25.46 44.12
N ASN B 306 -11.85 24.12 44.19
CA ASN B 306 -11.93 23.45 45.48
C ASN B 306 -10.64 23.63 46.28
N LEU B 307 -9.50 23.54 45.62
CA LEU B 307 -8.23 23.69 46.33
C LEU B 307 -8.05 25.12 46.86
N THR B 308 -8.46 26.12 46.07
CA THR B 308 -8.36 27.50 46.54
C THR B 308 -9.27 27.74 47.75
N LYS B 309 -10.40 27.04 47.82
CA LYS B 309 -11.32 27.18 48.95
C LYS B 309 -10.93 26.33 50.15
N ALA B 310 -9.97 25.42 50.01
CA ALA B 310 -9.63 24.49 51.08
C ALA B 310 -9.02 25.22 52.26
N GLN B 311 -9.50 24.90 53.47
CA GLN B 311 -8.99 25.49 54.69
C GLN B 311 -8.35 24.48 55.63
N ASP B 312 -8.44 23.19 55.36
CA ASP B 312 -7.82 22.18 56.20
C ASP B 312 -7.34 21.03 55.32
N SER B 313 -6.63 20.09 55.96
CA SER B 313 -6.08 18.96 55.21
C SER B 313 -7.18 18.08 54.62
N GLN B 314 -8.28 17.90 55.35
CA GLN B 314 -9.36 17.04 54.87
C GLN B 314 -9.92 17.58 53.56
N ALA B 315 -9.99 18.90 53.41
CA ALA B 315 -10.53 19.50 52.19
C ALA B 315 -9.55 19.40 51.02
N VAL B 316 -8.25 19.34 51.30
CA VAL B 316 -7.28 19.22 50.22
C VAL B 316 -7.25 17.79 49.69
N ILE B 317 -7.25 16.80 50.58
CA ILE B 317 -7.02 15.42 50.18
C ILE B 317 -8.21 14.82 49.46
N LEU B 318 -9.42 15.37 49.61
CA LEU B 318 -10.53 14.85 48.83
C LEU B 318 -10.39 15.17 47.35
N GLU B 319 -9.54 16.13 46.98
CA GLU B 319 -9.24 16.35 45.57
C GLU B 319 -8.23 15.35 45.03
N GLN B 320 -7.55 14.61 45.91
CA GLN B 320 -6.54 13.66 45.45
C GLN B 320 -7.15 12.51 44.66
N VAL B 321 -8.39 12.12 44.99
CA VAL B 321 -9.01 11.00 44.28
C VAL B 321 -9.18 11.34 42.80
N TRP B 322 -9.66 12.56 42.50
CA TRP B 322 -9.77 12.96 41.11
C TRP B 322 -8.41 12.95 40.43
N TYR B 323 -7.39 13.50 41.10
CA TYR B 323 -6.07 13.57 40.49
C TYR B 323 -5.53 12.18 40.21
N GLN B 324 -5.52 11.31 41.21
CA GLN B 324 -4.94 9.98 41.04
C GLN B 324 -5.67 9.20 39.96
N SER B 325 -6.99 9.36 39.88
CA SER B 325 -7.77 8.69 38.84
C SER B 325 -7.41 9.22 37.46
N ALA B 326 -7.32 10.55 37.33
CA ALA B 326 -6.96 11.14 36.05
C ALA B 326 -5.55 10.75 35.62
N TYR B 327 -4.61 10.76 36.57
CA TYR B 327 -3.24 10.39 36.22
C TYR B 327 -3.17 8.96 35.69
N ASN B 328 -3.85 8.03 36.38
CA ASN B 328 -3.85 6.64 35.93
C ASN B 328 -4.39 6.52 34.51
N GLU B 329 -5.49 7.21 34.21
CA GLU B 329 -6.06 7.16 32.87
C GLU B 329 -5.10 7.78 31.86
N TRP B 330 -4.47 8.89 32.21
CA TRP B 330 -3.59 9.54 31.25
C TRP B 330 -2.28 8.78 31.07
N GLN B 331 -1.87 7.97 32.04
CA GLN B 331 -0.75 7.07 31.83
C GLN B 331 -1.08 6.03 30.76
N ASP B 332 -2.32 5.52 30.77
CA ASP B 332 -2.77 4.59 29.73
C ASP B 332 -2.94 5.30 28.38
N ILE B 333 -3.46 6.53 28.40
CA ILE B 333 -3.58 7.31 27.16
C ILE B 333 -2.20 7.54 26.56
N LEU B 334 -1.21 7.84 27.40
CA LEU B 334 0.14 8.05 26.91
C LEU B 334 0.67 6.81 26.19
N GLU B 335 0.42 5.62 26.76
CA GLU B 335 0.89 4.40 26.12
C GLU B 335 0.22 4.18 24.78
N VAL B 336 -1.11 4.34 24.72
CA VAL B 336 -1.84 4.12 23.47
C VAL B 336 -1.45 5.15 22.42
N ALA B 337 -1.47 6.44 22.79
CA ALA B 337 -1.11 7.49 21.84
C ALA B 337 0.33 7.36 21.37
N SER B 338 1.24 7.01 22.29
CA SER B 338 2.64 6.81 21.89
C SER B 338 2.76 5.65 20.91
N THR B 339 2.08 4.54 21.20
CA THR B 339 2.13 3.38 20.31
C THR B 339 1.63 3.75 18.91
N LEU B 340 0.50 4.45 18.83
CA LEU B 340 -0.03 4.85 17.53
C LEU B 340 0.89 5.86 16.85
N ASN B 341 1.45 6.80 17.62
CA ASN B 341 2.31 7.83 17.06
C ASN B 341 3.63 7.24 16.54
N ASN B 342 4.07 6.12 17.09
CA ASN B 342 5.35 5.53 16.70
C ASN B 342 5.18 4.31 15.80
N ALA B 343 3.94 3.89 15.54
CA ALA B 343 3.71 2.67 14.79
C ALA B 343 4.16 2.81 13.35
N GLN B 344 4.72 1.72 12.81
N GLN B 344 4.73 1.72 12.82
CA GLN B 344 5.03 1.63 11.39
CA GLN B 344 5.02 1.63 11.40
C GLN B 344 3.82 1.07 10.67
C GLN B 344 3.81 1.08 10.68
N PRO B 345 3.18 1.83 9.79
CA PRO B 345 1.95 1.33 9.14
C PRO B 345 2.21 0.09 8.31
N GLN B 346 1.30 -0.87 8.43
CA GLN B 346 1.41 -2.17 7.76
C GLN B 346 0.28 -2.23 6.75
N ILE B 347 0.63 -2.20 5.47
CA ILE B 347 -0.34 -2.10 4.39
C ILE B 347 -0.28 -3.40 3.59
N THR B 348 -1.43 -3.82 3.08
CA THR B 348 -1.47 -4.91 2.12
C THR B 348 -2.53 -4.61 1.08
N LYS B 349 -2.53 -5.42 0.02
CA LYS B 349 -3.48 -5.28 -1.06
C LYS B 349 -4.14 -6.63 -1.28
N ALA B 350 -5.41 -6.61 -1.63
CA ALA B 350 -6.17 -7.83 -1.92
C ALA B 350 -6.92 -7.60 -3.23
N GLN B 351 -6.55 -8.35 -4.26
CA GLN B 351 -7.26 -8.29 -5.53
C GLN B 351 -8.36 -9.33 -5.52
N ILE B 352 -9.58 -8.91 -5.80
CA ILE B 352 -10.75 -9.79 -5.81
C ILE B 352 -11.18 -9.98 -7.26
N LYS B 353 -11.11 -11.22 -7.74
CA LYS B 353 -11.54 -11.53 -9.10
C LYS B 353 -12.22 -12.89 -9.08
N GLU B 354 -12.77 -13.26 -10.24
CA GLU B 354 -13.49 -14.53 -10.44
C GLU B 354 -12.73 -15.68 -9.82
N ASN B 355 -13.42 -16.41 -8.93
CA ASN B 355 -12.79 -17.30 -7.97
C ASN B 355 -12.93 -18.78 -8.31
N LEU B 356 -13.82 -19.13 -9.24
CA LEU B 356 -14.34 -20.49 -9.30
C LEU B 356 -13.81 -21.34 -10.45
N TYR B 357 -13.29 -20.74 -11.53
CA TYR B 357 -12.77 -21.56 -12.62
C TYR B 357 -11.43 -22.20 -12.24
C ACY C . 1.46 -8.54 -20.17
O ACY C . 1.42 -9.52 -19.35
OXT ACY C . 0.67 -7.62 -20.22
CH3 ACY C . 2.63 -8.64 -21.14
C1 EDO D . -3.30 18.58 -8.53
O1 EDO D . -3.98 17.96 -9.63
C2 EDO D . -3.03 17.52 -7.46
O2 EDO D . -2.21 16.48 -8.01
C1 EDO E . 11.94 -4.62 0.63
O1 EDO E . 12.33 -5.27 1.85
C2 EDO E . 11.43 -3.22 0.96
O2 EDO E . 10.38 -3.31 1.93
C1 EDO F . -1.14 13.44 -11.30
O1 EDO F . -1.74 14.50 -12.07
C2 EDO F . 0.09 13.98 -10.59
O2 EDO F . -0.29 15.04 -9.70
K K G . -20.79 -13.16 -20.61
C1 EDO H . -0.57 15.95 9.96
O1 EDO H . -1.93 16.38 10.01
C2 EDO H . -0.34 14.86 8.92
O2 EDO H . -1.36 13.86 8.94
CL CL I . -0.89 -0.29 23.23
C FMT J . -7.30 -3.95 8.38
O1 FMT J . -6.86 -4.77 9.18
O2 FMT J . -6.67 -3.56 7.40
C1 EDO K . -12.69 -11.84 -13.42
O1 EDO K . -11.27 -11.84 -13.61
C2 EDO K . -13.08 -10.85 -12.33
O2 EDO K . -14.45 -10.47 -12.46
#